data_5J36
#
_entry.id   5J36
#
_cell.length_a   377.310
_cell.length_b   377.310
_cell.length_c   377.310
_cell.angle_alpha   90.00
_cell.angle_beta   90.00
_cell.angle_gamma   90.00
#
_symmetry.space_group_name_H-M   'F 4 3 2'
#
loop_
_entity.id
_entity.type
_entity.pdbx_description
1 polymer 'Beak and feather disease virus capsid protein'
2 non-polymer 'PHOSPHATE ION'
3 water water
#
_entity_poly.entity_id   1
_entity_poly.type   'polypeptide(L)'
_entity_poly.pdbx_seq_one_letter_code
;MHHHHHHSSGVDLGTENLYFQSNARRRYARPYRRRHIRRYRRRRRHFRRRRFSTNRIYTLRLTRQFQFKINKQTTSVGNL
IFNADYITFALDDFLQAVPNPHTLNFEDYRIKLAKMEMRPTGGHYTVQSDGFGHTAVIQDSRITRFKTTADQTQDPLAPF
DGAKKWFVSRGFKRLLRPKPQITIEDLTTANQSAALWLNSARTGWIPLQGGPNSAGTKVRHYGIAFSFPQPEQTITYVTK
LTLYVQFRQFAPNNPST
;
_entity_poly.pdbx_strand_id   E,A,B,C,D
#
# COMPACT_ATOMS: atom_id res chain seq x y z
N PHE A 52 10.18 -27.30 41.33
CA PHE A 52 10.60 -28.33 40.37
C PHE A 52 9.90 -29.65 40.67
N SER A 53 8.59 -29.66 40.45
CA SER A 53 7.75 -30.81 40.76
C SER A 53 7.54 -31.65 39.51
N THR A 54 6.85 -32.79 39.70
CA THR A 54 6.59 -33.70 38.58
C THR A 54 5.86 -33.00 37.45
N ASN A 55 4.97 -32.05 37.77
CA ASN A 55 4.14 -31.39 36.77
C ASN A 55 4.71 -30.06 36.31
N ARG A 56 6.00 -29.82 36.52
CA ARG A 56 6.62 -28.59 36.03
C ARG A 56 6.55 -28.55 34.51
N ILE A 57 6.19 -27.38 33.97
CA ILE A 57 5.92 -27.22 32.54
C ILE A 57 6.92 -26.24 31.95
N TYR A 58 7.33 -26.51 30.71
CA TYR A 58 8.17 -25.63 29.93
C TYR A 58 7.52 -25.44 28.57
N THR A 59 7.73 -24.26 27.98
CA THR A 59 7.16 -23.94 26.67
C THR A 59 8.28 -23.52 25.72
N LEU A 60 8.28 -24.13 24.53
CA LEU A 60 9.26 -23.82 23.50
C LEU A 60 8.55 -23.45 22.21
N ARG A 61 9.25 -22.70 21.37
CA ARG A 61 8.84 -22.41 20.01
C ARG A 61 9.78 -23.14 19.06
N LEU A 62 9.21 -23.90 18.12
CA LEU A 62 9.99 -24.69 17.18
C LEU A 62 9.53 -24.39 15.76
N THR A 63 10.48 -24.42 14.82
CA THR A 63 10.19 -24.02 13.45
C THR A 63 10.98 -24.87 12.46
N ARG A 64 10.44 -25.00 11.26
CA ARG A 64 11.14 -25.61 10.14
C ARG A 64 10.58 -24.99 8.85
N GLN A 65 11.35 -25.14 7.76
CA GLN A 65 10.98 -24.54 6.49
C GLN A 65 11.18 -25.54 5.37
N PHE A 66 10.57 -25.25 4.23
CA PHE A 66 10.70 -26.09 3.04
C PHE A 66 10.10 -25.34 1.86
N GLN A 67 10.42 -25.82 0.67
CA GLN A 67 9.95 -25.21 -0.56
C GLN A 67 8.68 -25.88 -1.05
N PHE A 68 7.81 -25.08 -1.66
CA PHE A 68 6.58 -25.58 -2.28
C PHE A 68 6.41 -24.94 -3.65
N LYS A 69 5.94 -25.73 -4.60
CA LYS A 69 5.77 -25.28 -5.98
C LYS A 69 4.32 -25.47 -6.41
N ILE A 70 3.75 -24.44 -7.01
CA ILE A 70 2.49 -24.56 -7.75
C ILE A 70 2.85 -24.53 -9.23
N ASN A 71 2.51 -25.60 -9.93
CA ASN A 71 3.01 -25.82 -11.29
C ASN A 71 2.18 -25.05 -12.31
N LYS A 72 2.86 -24.62 -13.38
CA LYS A 72 2.19 -24.05 -14.53
C LYS A 72 1.10 -24.99 -15.03
N GLN A 73 -0.07 -24.42 -15.32
CA GLN A 73 -1.18 -25.21 -15.81
C GLN A 73 -0.87 -25.75 -17.20
N THR A 74 -0.76 -27.07 -17.32
CA THR A 74 -0.55 -27.73 -18.60
C THR A 74 -1.71 -28.64 -18.99
N THR A 75 -2.77 -28.69 -18.20
CA THR A 75 -3.94 -29.50 -18.48
C THR A 75 -5.16 -28.60 -18.56
N SER A 76 -6.08 -28.96 -19.46
CA SER A 76 -7.31 -28.18 -19.68
C SER A 76 -6.99 -26.70 -19.80
N VAL A 77 -5.93 -26.39 -20.55
CA VAL A 77 -5.51 -25.00 -20.71
C VAL A 77 -6.65 -24.20 -21.31
N GLY A 78 -6.97 -23.06 -20.68
CA GLY A 78 -8.10 -22.26 -21.03
C GLY A 78 -9.26 -22.38 -20.07
N ASN A 79 -9.25 -23.39 -19.21
CA ASN A 79 -10.28 -23.58 -18.20
C ASN A 79 -9.73 -23.22 -16.83
N LEU A 80 -10.65 -22.80 -15.94
CA LEU A 80 -10.31 -22.59 -14.55
C LEU A 80 -10.35 -23.92 -13.81
N ILE A 81 -9.21 -24.31 -13.24
CA ILE A 81 -9.11 -25.54 -12.47
C ILE A 81 -8.44 -25.23 -11.13
N PHE A 82 -8.70 -26.10 -10.15
CA PHE A 82 -8.16 -25.94 -8.81
C PHE A 82 -7.46 -27.23 -8.39
N ASN A 83 -6.43 -27.06 -7.54
CA ASN A 83 -5.80 -28.18 -6.85
C ASN A 83 -5.54 -27.74 -5.41
N ALA A 84 -5.10 -28.69 -4.60
CA ALA A 84 -4.88 -28.43 -3.19
C ALA A 84 -3.81 -29.35 -2.64
N ASP A 85 -3.23 -28.94 -1.52
CA ASP A 85 -2.30 -29.74 -0.75
C ASP A 85 -2.54 -29.46 0.73
N TYR A 86 -1.78 -30.11 1.60
CA TYR A 86 -2.03 -29.98 3.02
C TYR A 86 -0.73 -30.17 3.79
N ILE A 87 -0.79 -29.83 5.08
CA ILE A 87 0.33 -29.96 6.00
C ILE A 87 -0.18 -30.54 7.31
N THR A 88 0.60 -31.44 7.89
CA THR A 88 0.35 -31.95 9.23
C THR A 88 1.57 -31.65 10.11
N PHE A 89 1.38 -31.76 11.41
CA PHE A 89 2.40 -31.36 12.38
C PHE A 89 2.73 -32.52 13.30
N ALA A 90 4.03 -32.83 13.39
CA ALA A 90 4.54 -33.81 14.34
C ALA A 90 5.82 -33.27 14.95
N LEU A 91 5.96 -33.43 16.27
CA LEU A 91 7.13 -32.89 16.96
C LEU A 91 8.42 -33.41 16.35
N ASP A 92 8.43 -34.67 15.94
CA ASP A 92 9.65 -35.25 15.38
C ASP A 92 10.05 -34.56 14.08
N ASP A 93 9.07 -34.08 13.29
CA ASP A 93 9.40 -33.36 12.07
C ASP A 93 10.27 -32.15 12.36
N PHE A 94 10.07 -31.50 13.51
CA PHE A 94 10.80 -30.30 13.86
C PHE A 94 12.12 -30.61 14.56
N LEU A 95 12.14 -31.62 15.43
CA LEU A 95 13.39 -31.97 16.11
C LEU A 95 14.43 -32.52 15.15
N GLN A 96 14.00 -33.15 14.06
CA GLN A 96 14.95 -33.69 13.09
C GLN A 96 15.47 -32.62 12.13
N ALA A 97 14.87 -31.44 12.12
CA ALA A 97 15.41 -30.35 11.31
C ALA A 97 16.84 -30.04 11.75
N VAL A 98 17.69 -29.71 10.79
CA VAL A 98 19.13 -29.58 11.05
C VAL A 98 19.41 -28.66 12.24
N PRO A 99 18.92 -27.42 12.27
CA PRO A 99 19.36 -26.48 13.31
C PRO A 99 18.65 -26.64 14.65
N ASN A 100 17.77 -27.60 14.81
CA ASN A 100 17.02 -27.76 16.04
C ASN A 100 17.63 -28.85 16.91
N PRO A 101 17.35 -28.84 18.22
CA PRO A 101 17.79 -29.95 19.07
C PRO A 101 17.09 -31.23 18.66
N HIS A 102 17.89 -32.28 18.42
CA HIS A 102 17.35 -33.53 17.88
C HIS A 102 16.74 -34.41 18.97
N THR A 103 17.04 -34.16 20.24
CA THR A 103 16.38 -34.84 21.34
C THR A 103 16.14 -33.84 22.46
N LEU A 104 15.02 -33.99 23.15
CA LEU A 104 14.65 -33.14 24.26
C LEU A 104 14.55 -33.97 25.52
N ASN A 105 14.98 -33.41 26.64
CA ASN A 105 14.98 -34.10 27.92
C ASN A 105 13.74 -33.72 28.73
N PHE A 106 12.58 -34.07 28.16
CA PHE A 106 11.29 -33.91 28.83
C PHE A 106 10.52 -35.20 28.70
N GLU A 107 9.60 -35.42 29.66
CA GLU A 107 8.85 -36.67 29.70
C GLU A 107 7.60 -36.64 28.82
N ASP A 108 6.88 -35.52 28.81
CA ASP A 108 5.65 -35.40 28.06
C ASP A 108 5.63 -34.07 27.31
N TYR A 109 4.71 -33.96 26.36
CA TYR A 109 4.54 -32.73 25.59
C TYR A 109 3.10 -32.63 25.12
N ARG A 110 2.74 -31.44 24.65
CA ARG A 110 1.45 -31.22 24.01
C ARG A 110 1.55 -29.96 23.17
N ILE A 111 1.01 -30.02 21.95
CA ILE A 111 1.10 -28.92 21.00
C ILE A 111 -0.10 -28.00 21.23
N LYS A 112 0.17 -26.80 21.74
CA LYS A 112 -0.88 -25.84 22.02
C LYS A 112 -1.31 -25.10 20.77
N LEU A 113 -0.41 -24.91 19.81
CA LEU A 113 -0.67 -24.04 18.68
C LEU A 113 0.32 -24.36 17.59
N ALA A 114 -0.15 -24.27 16.35
CA ALA A 114 0.70 -24.44 15.18
C ALA A 114 0.41 -23.31 14.19
N LYS A 115 1.34 -23.11 13.25
CA LYS A 115 1.32 -21.93 12.42
C LYS A 115 1.97 -22.25 11.08
N MET A 116 1.34 -21.80 10.01
CA MET A 116 1.84 -22.02 8.66
C MET A 116 1.87 -20.70 7.91
N GLU A 117 3.03 -20.35 7.35
CA GLU A 117 3.18 -19.18 6.52
C GLU A 117 3.87 -19.58 5.23
N MET A 118 3.24 -19.29 4.10
CA MET A 118 3.78 -19.61 2.78
C MET A 118 3.83 -18.32 1.98
N ARG A 119 5.03 -17.93 1.55
CA ARG A 119 5.22 -16.69 0.81
C ARG A 119 5.99 -16.97 -0.47
N PRO A 120 5.65 -16.29 -1.55
CA PRO A 120 6.29 -16.58 -2.84
C PRO A 120 7.76 -16.17 -2.87
N THR A 121 8.49 -16.82 -3.78
CA THR A 121 9.89 -16.50 -4.02
C THR A 121 10.17 -16.71 -5.50
N GLY A 122 11.43 -16.87 -5.86
CA GLY A 122 11.80 -17.11 -7.24
C GLY A 122 11.55 -15.94 -8.16
N GLY A 123 11.41 -14.73 -7.63
CA GLY A 123 11.21 -13.56 -8.46
C GLY A 123 9.79 -13.29 -8.86
N HIS A 124 8.82 -13.99 -8.27
CA HIS A 124 7.42 -13.77 -8.63
C HIS A 124 6.95 -12.40 -8.13
N TYR A 125 6.17 -11.73 -8.97
CA TYR A 125 5.67 -10.40 -8.63
C TYR A 125 4.41 -10.52 -7.78
N THR A 126 4.40 -9.83 -6.65
CA THR A 126 3.21 -9.80 -5.80
C THR A 126 2.07 -9.05 -6.49
N VAL A 127 2.39 -8.08 -7.34
CA VAL A 127 1.36 -7.33 -8.08
C VAL A 127 0.88 -8.06 -9.32
N GLN A 128 1.40 -9.26 -9.59
CA GLN A 128 0.95 -10.07 -10.72
C GLN A 128 -0.13 -11.01 -10.22
N SER A 129 -1.39 -10.65 -10.45
CA SER A 129 -2.49 -11.40 -9.86
C SER A 129 -2.65 -12.75 -10.53
N ASP A 130 -2.89 -13.78 -9.71
CA ASP A 130 -3.16 -15.13 -10.16
C ASP A 130 -4.33 -15.73 -9.40
N GLY A 131 -5.33 -14.90 -9.10
CA GLY A 131 -6.53 -15.37 -8.46
C GLY A 131 -6.33 -15.66 -6.98
N PHE A 132 -7.29 -16.36 -6.42
CA PHE A 132 -7.30 -16.67 -4.99
C PHE A 132 -7.84 -18.07 -4.76
N GLY A 133 -7.21 -18.77 -3.81
CA GLY A 133 -7.71 -20.04 -3.32
C GLY A 133 -8.19 -19.90 -1.89
N HIS A 134 -8.14 -20.98 -1.12
CA HIS A 134 -8.60 -20.94 0.26
C HIS A 134 -7.71 -21.83 1.11
N THR A 135 -7.67 -21.50 2.40
CA THR A 135 -7.09 -22.35 3.42
C THR A 135 -8.20 -22.89 4.30
N ALA A 136 -7.98 -24.09 4.85
CA ALA A 136 -8.98 -24.72 5.70
C ALA A 136 -8.29 -25.53 6.78
N VAL A 137 -8.84 -25.47 7.99
CA VAL A 137 -8.34 -26.25 9.11
C VAL A 137 -9.10 -27.57 9.13
N ILE A 138 -8.40 -28.67 8.86
CA ILE A 138 -8.97 -30.00 8.81
C ILE A 138 -8.21 -30.84 9.83
N GLN A 139 -8.86 -31.14 10.95
CA GLN A 139 -8.19 -31.70 12.13
C GLN A 139 -8.40 -33.20 12.25
N ASP A 140 -8.41 -33.92 11.13
CA ASP A 140 -8.49 -35.38 11.14
C ASP A 140 -7.87 -35.89 9.85
N SER A 141 -7.67 -37.21 9.80
CA SER A 141 -6.95 -37.83 8.70
C SER A 141 -7.67 -37.70 7.36
N ARG A 142 -8.92 -37.22 7.35
CA ARG A 142 -9.58 -36.96 6.08
C ARG A 142 -8.80 -35.96 5.23
N ILE A 143 -7.93 -35.15 5.84
CA ILE A 143 -7.20 -34.13 5.11
C ILE A 143 -6.39 -34.75 3.98
N THR A 144 -5.99 -36.02 4.12
CA THR A 144 -5.13 -36.65 3.12
C THR A 144 -5.78 -36.66 1.74
N ARG A 145 -7.12 -36.66 1.68
CA ARG A 145 -7.82 -36.62 0.41
C ARG A 145 -7.68 -35.28 -0.29
N PHE A 146 -7.26 -34.24 0.43
CA PHE A 146 -7.23 -32.89 -0.13
C PHE A 146 -5.86 -32.51 -0.67
N LYS A 147 -4.94 -33.47 -0.79
CA LYS A 147 -3.86 -33.37 -1.77
C LYS A 147 -4.43 -33.96 -3.04
N THR A 148 -4.96 -33.09 -3.89
CA THR A 148 -5.71 -33.56 -5.06
C THR A 148 -4.81 -34.31 -6.03
N THR A 149 -5.31 -35.43 -6.53
CA THR A 149 -4.64 -36.22 -7.55
C THR A 149 -5.25 -35.99 -8.93
N ALA A 150 -6.32 -35.21 -9.02
CA ALA A 150 -6.91 -34.83 -10.29
C ALA A 150 -7.37 -33.39 -10.20
N ASP A 151 -7.42 -32.72 -11.35
CA ASP A 151 -7.83 -31.32 -11.37
C ASP A 151 -9.28 -31.19 -10.94
N GLN A 152 -9.57 -30.16 -10.15
CA GLN A 152 -10.91 -29.89 -9.65
C GLN A 152 -11.51 -28.72 -10.43
N THR A 153 -12.79 -28.83 -10.77
CA THR A 153 -13.49 -27.76 -11.46
C THR A 153 -13.97 -26.67 -10.50
N GLN A 154 -13.99 -26.94 -9.21
CA GLN A 154 -14.32 -25.94 -8.19
C GLN A 154 -13.24 -25.94 -7.13
N ASP A 155 -13.18 -24.85 -6.37
CA ASP A 155 -12.27 -24.75 -5.24
C ASP A 155 -12.63 -25.84 -4.24
N PRO A 156 -11.76 -26.84 -4.03
CA PRO A 156 -12.16 -27.98 -3.18
C PRO A 156 -12.27 -27.66 -1.71
N LEU A 157 -11.75 -26.51 -1.24
CA LEU A 157 -11.77 -26.18 0.18
C LEU A 157 -12.72 -25.04 0.53
N ALA A 158 -13.14 -24.23 -0.44
CA ALA A 158 -13.98 -23.08 -0.15
C ALA A 158 -15.23 -23.41 0.66
N PRO A 159 -15.92 -24.53 0.44
CA PRO A 159 -17.16 -24.78 1.19
C PRO A 159 -16.94 -25.02 2.68
N PHE A 160 -15.72 -25.32 3.12
CA PHE A 160 -15.47 -25.58 4.54
C PHE A 160 -15.89 -24.40 5.40
N ASP A 161 -16.54 -24.68 6.52
CA ASP A 161 -16.65 -23.70 7.57
C ASP A 161 -15.25 -23.36 8.07
N GLY A 162 -14.96 -22.07 8.16
CA GLY A 162 -13.62 -21.62 8.50
C GLY A 162 -12.71 -21.42 7.31
N ALA A 163 -13.15 -21.79 6.10
CA ALA A 163 -12.36 -21.52 4.91
C ALA A 163 -12.05 -20.03 4.81
N LYS A 164 -10.80 -19.72 4.48
CA LYS A 164 -10.36 -18.34 4.38
C LYS A 164 -9.63 -18.13 3.06
N LYS A 165 -10.01 -17.08 2.36
CA LYS A 165 -9.43 -16.75 1.07
C LYS A 165 -7.97 -16.35 1.21
N TRP A 166 -7.18 -16.67 0.19
CA TRP A 166 -5.80 -16.19 0.10
C TRP A 166 -5.44 -16.03 -1.37
N PHE A 167 -4.63 -15.03 -1.66
CA PHE A 167 -4.25 -14.71 -3.02
C PHE A 167 -2.97 -15.44 -3.40
N VAL A 168 -2.99 -16.08 -4.56
CA VAL A 168 -1.88 -16.94 -4.98
C VAL A 168 -0.57 -16.16 -4.98
N SER A 169 -0.62 -14.89 -5.36
CA SER A 169 0.60 -14.12 -5.55
C SER A 169 1.15 -13.53 -4.25
N ARG A 170 0.42 -13.61 -3.14
CA ARG A 170 0.88 -13.08 -1.88
C ARG A 170 1.11 -14.15 -0.82
N GLY A 171 0.61 -15.36 -1.02
CA GLY A 171 0.73 -16.37 0.00
C GLY A 171 -0.27 -16.15 1.13
N PHE A 172 -0.03 -16.82 2.25
CA PHE A 172 -0.94 -16.72 3.37
C PHE A 172 -0.19 -17.01 4.67
N LYS A 173 -0.88 -16.73 5.78
CA LYS A 173 -0.41 -17.02 7.12
C LYS A 173 -1.62 -17.39 7.97
N ARG A 174 -1.55 -18.52 8.67
CA ARG A 174 -2.69 -18.96 9.45
C ARG A 174 -2.21 -19.76 10.66
N LEU A 175 -2.87 -19.53 11.80
CA LEU A 175 -2.64 -20.28 13.01
C LEU A 175 -3.81 -21.22 13.27
N LEU A 176 -3.52 -22.31 13.96
CA LEU A 176 -4.53 -23.34 14.21
C LEU A 176 -4.14 -24.13 15.45
N ARG A 177 -5.10 -24.90 15.95
CA ARG A 177 -4.89 -25.83 17.05
C ARG A 177 -4.93 -27.24 16.48
N PRO A 178 -3.79 -27.83 16.13
CA PRO A 178 -3.80 -29.16 15.51
C PRO A 178 -4.04 -30.25 16.55
N LYS A 179 -4.69 -31.32 16.10
CA LYS A 179 -5.24 -32.32 16.98
C LYS A 179 -4.59 -33.68 16.77
N PRO A 180 -4.17 -34.37 17.82
CA PRO A 180 -3.79 -35.78 17.68
C PRO A 180 -5.01 -36.68 17.72
N GLN A 181 -4.89 -37.85 17.10
CA GLN A 181 -6.02 -38.74 16.86
C GLN A 181 -5.97 -39.91 17.82
N ILE A 182 -6.95 -39.98 18.73
CA ILE A 182 -7.09 -41.12 19.64
C ILE A 182 -7.83 -42.24 18.93
N THR A 183 -7.45 -43.47 19.24
CA THR A 183 -7.95 -44.65 18.54
C THR A 183 -9.23 -45.17 19.17
N ILE A 184 -10.19 -45.53 18.31
CA ILE A 184 -11.37 -46.29 18.69
C ILE A 184 -11.41 -47.53 17.80
N GLU A 185 -11.50 -48.71 18.44
CA GLU A 185 -11.50 -49.97 17.72
C GLU A 185 -12.85 -50.69 17.78
N ASP A 186 -13.85 -50.12 18.42
CA ASP A 186 -15.16 -50.76 18.60
C ASP A 186 -16.14 -50.09 17.64
N LEU A 187 -16.20 -50.61 16.41
CA LEU A 187 -17.10 -50.14 15.38
C LEU A 187 -18.11 -51.22 15.03
N THR A 188 -19.17 -50.82 14.33
CA THR A 188 -20.18 -51.78 13.91
C THR A 188 -19.66 -52.76 12.86
N THR A 189 -18.58 -52.42 12.18
CA THR A 189 -17.90 -53.33 11.27
C THR A 189 -16.69 -53.91 11.99
N ALA A 190 -16.57 -55.24 11.96
CA ALA A 190 -15.52 -55.91 12.72
C ALA A 190 -14.14 -55.56 12.18
N ASN A 191 -13.18 -55.42 13.09
CA ASN A 191 -11.77 -55.26 12.76
C ASN A 191 -11.47 -53.93 12.08
N GLN A 192 -12.37 -52.96 12.16
CA GLN A 192 -12.10 -51.61 11.70
C GLN A 192 -11.98 -50.68 12.90
N SER A 193 -11.31 -49.55 12.67
CA SER A 193 -11.06 -48.58 13.73
C SER A 193 -11.38 -47.18 13.23
N ALA A 194 -11.52 -46.25 14.16
CA ALA A 194 -11.81 -44.85 13.86
C ALA A 194 -11.06 -43.99 14.86
N ALA A 195 -11.31 -42.68 14.81
CA ALA A 195 -10.53 -41.72 15.58
C ALA A 195 -11.44 -40.83 16.41
N LEU A 196 -10.84 -40.21 17.42
CA LEU A 196 -11.46 -39.20 18.25
C LEU A 196 -10.36 -38.25 18.69
N TRP A 197 -10.66 -36.95 18.73
CA TRP A 197 -9.70 -35.99 19.26
C TRP A 197 -10.38 -35.11 20.30
N LEU A 198 -9.55 -34.53 21.17
CA LEU A 198 -10.01 -33.82 22.35
C LEU A 198 -10.12 -32.33 22.06
N ASN A 199 -11.16 -31.71 22.62
CA ASN A 199 -11.45 -30.31 22.30
C ASN A 199 -10.38 -29.36 22.84
N SER A 200 -9.78 -29.69 23.98
CA SER A 200 -8.80 -28.84 24.63
C SER A 200 -7.46 -29.55 24.74
N ALA A 201 -6.39 -28.83 24.42
CA ALA A 201 -5.04 -29.36 24.59
C ALA A 201 -4.68 -29.57 26.05
N ARG A 202 -5.34 -28.87 26.97
CA ARG A 202 -5.06 -29.03 28.39
C ARG A 202 -5.62 -30.32 28.97
N THR A 203 -6.28 -31.15 28.16
CA THR A 203 -6.93 -32.35 28.69
C THR A 203 -5.95 -33.51 28.84
N GLY A 204 -4.94 -33.61 27.96
CA GLY A 204 -4.06 -34.76 27.96
C GLY A 204 -2.62 -34.39 27.69
N TRP A 205 -1.74 -35.35 27.95
CA TRP A 205 -0.32 -35.23 27.68
C TRP A 205 0.12 -36.41 26.83
N ILE A 206 1.15 -36.19 26.01
CA ILE A 206 1.72 -37.23 25.17
C ILE A 206 3.13 -37.52 25.68
N PRO A 207 3.42 -38.71 26.19
CA PRO A 207 4.80 -39.04 26.56
C PRO A 207 5.69 -39.14 25.33
N LEU A 208 6.84 -38.48 25.38
CA LEU A 208 7.75 -38.51 24.24
C LEU A 208 8.20 -39.94 23.92
N GLN A 209 8.40 -40.76 24.95
CA GLN A 209 8.90 -42.11 24.77
C GLN A 209 7.88 -43.17 25.21
N GLY A 210 6.60 -42.79 25.32
CA GLY A 210 5.58 -43.76 25.68
C GLY A 210 5.17 -44.63 24.51
N GLY A 211 4.59 -45.78 24.84
CA GLY A 211 4.13 -46.71 23.84
C GLY A 211 5.15 -47.77 23.52
N PRO A 212 4.73 -48.81 22.80
CA PRO A 212 5.64 -49.94 22.50
C PRO A 212 6.76 -49.58 21.55
N ASN A 213 6.71 -48.44 20.87
CA ASN A 213 7.75 -48.04 19.94
C ASN A 213 8.56 -46.85 20.43
N SER A 214 8.22 -46.26 21.59
CA SER A 214 8.91 -45.09 22.09
C SER A 214 8.91 -43.97 21.05
N ALA A 215 7.79 -43.84 20.35
CA ALA A 215 7.67 -42.92 19.21
C ALA A 215 6.63 -41.83 19.50
N GLY A 216 6.58 -41.36 20.75
CA GLY A 216 5.59 -40.36 21.10
C GLY A 216 5.71 -39.08 20.29
N THR A 217 6.94 -38.71 19.91
CA THR A 217 7.15 -37.48 19.16
C THR A 217 6.68 -37.57 17.71
N LYS A 218 6.26 -38.74 17.25
CA LYS A 218 5.81 -38.92 15.88
C LYS A 218 4.30 -38.89 15.73
N VAL A 219 3.57 -38.63 16.81
CA VAL A 219 2.12 -38.47 16.70
C VAL A 219 1.80 -37.39 15.70
N ARG A 220 0.93 -37.70 14.74
CA ARG A 220 0.58 -36.77 13.68
C ARG A 220 -0.59 -35.89 14.15
N HIS A 221 -0.37 -34.58 14.17
CA HIS A 221 -1.39 -33.61 14.54
C HIS A 221 -1.96 -32.96 13.29
N TYR A 222 -3.28 -32.96 13.16
CA TYR A 222 -3.95 -32.35 12.01
C TYR A 222 -4.59 -31.02 12.41
N GLY A 223 -4.56 -30.01 11.54
CA GLY A 223 -4.04 -30.09 10.19
C GLY A 223 -4.55 -28.91 9.40
N ILE A 224 -3.84 -28.51 8.35
CA ILE A 224 -4.24 -27.37 7.53
C ILE A 224 -4.05 -27.73 6.06
N ALA A 225 -5.05 -27.42 5.24
CA ALA A 225 -4.99 -27.61 3.81
C ALA A 225 -5.14 -26.27 3.11
N PHE A 226 -4.61 -26.18 1.90
CA PHE A 226 -4.71 -24.96 1.10
C PHE A 226 -4.93 -25.32 -0.36
N SER A 227 -5.85 -24.59 -0.99
CA SER A 227 -6.22 -24.78 -2.38
C SER A 227 -5.81 -23.57 -3.20
N PHE A 228 -5.81 -23.73 -4.52
CA PHE A 228 -5.37 -22.65 -5.39
C PHE A 228 -5.88 -22.87 -6.80
N PRO A 229 -6.28 -21.82 -7.51
CA PRO A 229 -6.48 -21.96 -8.96
C PRO A 229 -5.15 -22.09 -9.67
N GLN A 230 -5.11 -22.98 -10.65
CA GLN A 230 -3.85 -23.26 -11.32
C GLN A 230 -3.40 -22.04 -12.13
N PRO A 231 -2.18 -21.54 -11.93
CA PRO A 231 -1.74 -20.32 -12.61
C PRO A 231 -1.14 -20.61 -13.99
N GLU A 232 -0.85 -19.52 -14.70
CA GLU A 232 -0.28 -19.61 -16.05
C GLU A 232 1.21 -19.86 -16.04
N GLN A 233 1.88 -19.65 -14.91
CA GLN A 233 3.31 -19.91 -14.78
C GLN A 233 3.56 -20.56 -13.44
N THR A 234 4.70 -21.23 -13.33
CA THR A 234 5.08 -21.88 -12.08
C THR A 234 5.40 -20.83 -11.03
N ILE A 235 4.97 -21.10 -9.79
CA ILE A 235 5.22 -20.21 -8.66
C ILE A 235 5.86 -21.04 -7.55
N THR A 236 7.02 -20.59 -7.09
CA THR A 236 7.72 -21.23 -5.98
C THR A 236 7.51 -20.41 -4.72
N TYR A 237 7.44 -21.11 -3.59
CA TYR A 237 7.18 -20.49 -2.29
C TYR A 237 8.19 -20.97 -1.27
N VAL A 238 8.38 -20.16 -0.23
CA VAL A 238 9.05 -20.57 0.99
C VAL A 238 7.97 -20.75 2.05
N THR A 239 7.90 -21.94 2.64
CA THR A 239 6.94 -22.24 3.69
C THR A 239 7.67 -22.36 5.02
N LYS A 240 7.15 -21.67 6.03
CA LYS A 240 7.68 -21.76 7.39
C LYS A 240 6.58 -22.27 8.31
N LEU A 241 6.86 -23.35 9.02
CA LEU A 241 5.96 -23.89 10.03
C LEU A 241 6.52 -23.58 11.40
N THR A 242 5.63 -23.32 12.35
CA THR A 242 6.03 -23.00 13.71
C THR A 242 5.15 -23.77 14.69
N LEU A 243 5.77 -24.40 15.68
CA LEU A 243 5.06 -25.09 16.75
C LEU A 243 5.27 -24.35 18.06
N TYR A 244 4.17 -24.21 18.80
CA TYR A 244 4.21 -23.72 20.18
C TYR A 244 3.87 -24.90 21.06
N VAL A 245 4.87 -25.46 21.72
CA VAL A 245 4.77 -26.76 22.38
C VAL A 245 5.04 -26.56 23.87
N GLN A 246 4.20 -27.17 24.71
CA GLN A 246 4.45 -27.26 26.14
C GLN A 246 5.05 -28.62 26.45
N PHE A 247 6.05 -28.63 27.32
CA PHE A 247 6.70 -29.85 27.76
C PHE A 247 6.56 -29.98 29.26
N ARG A 248 6.44 -31.23 29.72
CA ARG A 248 6.21 -31.52 31.13
C ARG A 248 7.32 -32.41 31.66
N GLN A 249 7.91 -32.00 32.79
CA GLN A 249 8.84 -32.82 33.55
C GLN A 249 10.19 -32.97 32.84
N PHE A 250 11.15 -32.13 33.23
CA PHE A 250 12.53 -32.33 32.81
C PHE A 250 13.00 -33.69 33.27
N ALA A 251 13.69 -34.41 32.39
CA ALA A 251 13.97 -35.83 32.62
C ALA A 251 15.41 -36.16 32.26
N PRO A 252 15.99 -37.18 32.89
CA PRO A 252 17.33 -37.62 32.52
C PRO A 252 17.33 -38.39 31.21
N ASN A 253 18.55 -38.68 30.74
CA ASN A 253 18.71 -39.63 29.66
C ASN A 253 18.32 -41.02 30.14
N ASN A 254 18.03 -41.90 29.18
CA ASN A 254 17.74 -43.29 29.54
C ASN A 254 18.98 -43.90 30.20
N PRO A 255 18.80 -44.81 31.14
CA PRO A 255 19.96 -45.41 31.81
C PRO A 255 20.90 -46.09 30.81
N SER A 256 22.17 -46.11 31.17
CA SER A 256 23.16 -46.83 30.38
C SER A 256 22.92 -48.33 30.48
N THR A 257 23.30 -49.04 29.42
CA THR A 257 23.10 -50.48 29.36
C THR A 257 24.42 -51.20 29.14
N PHE B 52 28.90 21.06 35.62
CA PHE B 52 30.03 20.52 34.87
C PHE B 52 30.94 19.70 35.78
N SER B 53 30.41 18.59 36.28
CA SER B 53 31.11 17.74 37.22
C SER B 53 31.72 16.53 36.50
N THR B 54 32.45 15.72 37.27
CA THR B 54 33.16 14.58 36.71
C THR B 54 32.20 13.64 35.99
N ASN B 55 30.96 13.51 36.46
CA ASN B 55 30.02 12.55 35.93
C ASN B 55 29.09 13.13 34.88
N ARG B 56 29.39 14.32 34.36
CA ARG B 56 28.55 14.93 33.33
C ARG B 56 28.48 14.01 32.10
N ILE B 57 27.27 13.86 31.57
CA ILE B 57 27.01 12.90 30.49
C ILE B 57 26.58 13.66 29.25
N TYR B 58 27.00 13.17 28.08
CA TYR B 58 26.59 13.68 26.79
C TYR B 58 26.13 12.51 25.92
N THR B 59 25.19 12.76 25.03
CA THR B 59 24.63 11.72 24.17
C THR B 59 24.71 12.15 22.73
N LEU B 60 25.29 11.28 21.88
CA LEU B 60 25.43 11.55 20.46
C LEU B 60 24.85 10.39 19.66
N ARG B 61 24.44 10.70 18.44
CA ARG B 61 24.01 9.71 17.45
C ARG B 61 25.07 9.63 16.36
N LEU B 62 25.52 8.42 16.07
CA LEU B 62 26.58 8.20 15.08
C LEU B 62 26.11 7.17 14.07
N THR B 63 26.55 7.33 12.83
CA THR B 63 26.07 6.48 11.74
C THR B 63 27.17 6.22 10.74
N ARG B 64 27.06 5.07 10.05
CA ARG B 64 27.93 4.74 8.94
C ARG B 64 27.16 3.81 8.01
N GLN B 65 27.60 3.75 6.75
CA GLN B 65 26.91 2.97 5.74
C GLN B 65 27.90 2.13 4.95
N PHE B 66 27.38 1.11 4.29
CA PHE B 66 28.17 0.24 3.44
C PHE B 66 27.23 -0.60 2.60
N GLN B 67 27.79 -1.22 1.56
CA GLN B 67 27.03 -2.04 0.63
C GLN B 67 27.08 -3.50 1.07
N PHE B 68 26.00 -4.23 0.79
CA PHE B 68 25.93 -5.66 1.03
C PHE B 68 25.26 -6.32 -0.16
N LYS B 69 25.73 -7.52 -0.51
CA LYS B 69 25.22 -8.24 -1.67
C LYS B 69 24.84 -9.65 -1.28
N ILE B 70 23.68 -10.09 -1.77
CA ILE B 70 23.26 -11.48 -1.72
C ILE B 70 23.41 -12.05 -3.13
N ASN B 71 24.26 -13.06 -3.28
CA ASN B 71 24.64 -13.55 -4.59
C ASN B 71 23.56 -14.46 -5.18
N LYS B 72 23.46 -14.44 -6.50
CA LYS B 72 22.63 -15.39 -7.22
C LYS B 72 22.96 -16.82 -6.81
N GLN B 73 21.94 -17.65 -6.67
CA GLN B 73 22.15 -19.03 -6.30
C GLN B 73 22.76 -19.80 -7.47
N THR B 74 23.97 -20.33 -7.25
CA THR B 74 24.65 -21.14 -8.26
C THR B 74 24.99 -22.54 -7.74
N THR B 75 24.45 -22.92 -6.60
CA THR B 75 24.69 -24.23 -6.00
C THR B 75 23.37 -24.88 -5.65
N SER B 76 23.35 -26.21 -5.63
CA SER B 76 22.14 -26.98 -5.34
C SER B 76 20.96 -26.39 -6.09
N VAL B 77 21.18 -26.05 -7.37
CA VAL B 77 20.20 -25.29 -8.13
C VAL B 77 18.84 -25.99 -8.10
N GLY B 78 17.78 -25.19 -8.06
CA GLY B 78 16.43 -25.68 -7.97
C GLY B 78 15.94 -25.96 -6.57
N ASN B 79 16.84 -25.99 -5.58
CA ASN B 79 16.48 -26.28 -4.21
C ASN B 79 16.49 -25.01 -3.36
N LEU B 80 15.86 -25.11 -2.19
CA LEU B 80 15.83 -24.03 -1.23
C LEU B 80 17.01 -24.16 -0.28
N ILE B 81 17.90 -23.16 -0.27
CA ILE B 81 19.02 -23.12 0.65
C ILE B 81 19.05 -21.75 1.31
N PHE B 82 19.73 -21.69 2.45
CA PHE B 82 19.84 -20.46 3.24
C PHE B 82 21.30 -20.17 3.54
N ASN B 83 21.61 -18.88 3.65
CA ASN B 83 22.89 -18.42 4.16
C ASN B 83 22.65 -17.25 5.10
N ALA B 84 23.70 -16.85 5.81
CA ALA B 84 23.56 -15.81 6.82
C ALA B 84 24.87 -15.05 6.98
N ASP B 85 24.75 -13.81 7.46
CA ASP B 85 25.89 -12.98 7.79
C ASP B 85 25.51 -12.20 9.06
N TYR B 86 26.43 -11.37 9.55
CA TYR B 86 26.21 -10.69 10.82
C TYR B 86 26.97 -9.38 10.87
N ILE B 87 26.62 -8.58 11.87
CA ILE B 87 27.22 -7.27 12.10
C ILE B 87 27.52 -7.14 13.58
N THR B 88 28.65 -6.51 13.90
CA THR B 88 28.98 -6.12 15.26
C THR B 88 29.22 -4.61 15.27
N PHE B 89 29.32 -4.04 16.47
CA PHE B 89 29.38 -2.60 16.65
C PHE B 89 30.57 -2.23 17.52
N ALA B 90 31.42 -1.35 17.01
CA ALA B 90 32.50 -0.75 17.77
C ALA B 90 32.53 0.74 17.48
N LEU B 91 32.68 1.54 18.53
CA LEU B 91 32.67 2.99 18.36
C LEU B 91 33.72 3.42 17.34
N ASP B 92 34.88 2.77 17.34
CA ASP B 92 35.93 3.13 16.39
C ASP B 92 35.48 2.93 14.95
N ASP B 93 34.63 1.93 14.70
CA ASP B 93 34.11 1.73 13.35
C ASP B 93 33.42 2.99 12.84
N PHE B 94 32.77 3.74 13.73
CA PHE B 94 32.00 4.91 13.33
C PHE B 94 32.82 6.19 13.34
N LEU B 95 33.79 6.31 14.25
CA LEU B 95 34.61 7.52 14.28
C LEU B 95 35.57 7.58 13.11
N GLN B 96 36.00 6.43 12.60
CA GLN B 96 36.90 6.43 11.44
C GLN B 96 36.16 6.63 10.13
N ALA B 97 34.83 6.60 10.13
CA ALA B 97 34.08 6.91 8.92
C ALA B 97 34.36 8.34 8.48
N VAL B 98 34.47 8.54 7.16
CA VAL B 98 34.95 9.82 6.63
C VAL B 98 34.22 11.01 7.23
N PRO B 99 32.88 11.09 7.20
CA PRO B 99 32.19 12.32 7.61
C PRO B 99 32.07 12.51 9.12
N ASN B 100 32.52 11.56 9.94
CA ASN B 100 32.34 11.66 11.38
C ASN B 100 33.59 12.22 12.04
N PRO B 101 33.46 12.78 13.24
CA PRO B 101 34.66 13.18 13.99
C PRO B 101 35.50 11.96 14.33
N HIS B 102 36.80 12.07 14.04
CA HIS B 102 37.70 10.93 14.16
C HIS B 102 38.27 10.77 15.57
N THR B 103 38.13 11.79 16.42
CA THR B 103 38.46 11.67 17.82
C THR B 103 37.44 12.46 18.63
N LEU B 104 37.11 11.95 19.81
CA LEU B 104 36.16 12.61 20.71
C LEU B 104 36.85 12.95 22.02
N ASN B 105 36.55 14.15 22.53
CA ASN B 105 37.18 14.65 23.76
C ASN B 105 36.30 14.32 24.97
N PHE B 106 36.09 13.03 25.18
CA PHE B 106 35.41 12.51 26.34
C PHE B 106 36.25 11.41 26.96
N GLU B 107 36.04 11.18 28.26
CA GLU B 107 36.83 10.20 28.99
C GLU B 107 36.26 8.80 28.86
N ASP B 108 34.94 8.64 28.95
CA ASP B 108 34.30 7.33 28.92
C ASP B 108 33.12 7.36 27.97
N TYR B 109 32.63 6.17 27.63
CA TYR B 109 31.46 6.04 26.77
C TYR B 109 30.74 4.75 27.10
N ARG B 110 29.51 4.64 26.62
CA ARG B 110 28.75 3.40 26.69
C ARG B 110 27.67 3.44 25.62
N ILE B 111 27.51 2.32 24.93
CA ILE B 111 26.56 2.22 23.84
C ILE B 111 25.21 1.81 24.42
N LYS B 112 24.25 2.73 24.42
CA LYS B 112 22.92 2.45 24.94
C LYS B 112 22.09 1.66 23.94
N LEU B 113 22.33 1.87 22.65
CA LEU B 113 21.42 1.35 21.64
C LEU B 113 22.16 1.33 20.31
N ALA B 114 21.77 0.38 19.46
CA ALA B 114 22.32 0.27 18.12
C ALA B 114 21.20 -0.08 17.16
N LYS B 115 21.35 0.37 15.92
CA LYS B 115 20.33 0.14 14.89
C LYS B 115 21.00 -0.35 13.62
N MET B 116 20.29 -1.21 12.90
CA MET B 116 20.71 -1.69 11.59
C MET B 116 19.52 -1.60 10.64
N GLU B 117 19.75 -1.00 9.48
CA GLU B 117 18.74 -0.90 8.44
C GLU B 117 19.37 -1.22 7.11
N MET B 118 18.85 -2.24 6.43
CA MET B 118 19.35 -2.70 5.15
C MET B 118 18.20 -2.67 4.15
N ARG B 119 18.36 -1.91 3.08
CA ARG B 119 17.33 -1.77 2.06
C ARG B 119 17.90 -2.04 0.69
N PRO B 120 17.14 -2.68 -0.20
CA PRO B 120 17.69 -3.05 -1.51
C PRO B 120 17.96 -1.82 -2.39
N THR B 121 18.90 -2.00 -3.31
CA THR B 121 19.21 -0.96 -4.30
C THR B 121 19.50 -1.67 -5.62
N GLY B 122 20.16 -0.96 -6.53
CA GLY B 122 20.52 -1.56 -7.80
C GLY B 122 19.37 -1.81 -8.74
N GLY B 123 18.22 -1.19 -8.51
CA GLY B 123 17.06 -1.38 -9.35
C GLY B 123 16.22 -2.60 -9.04
N HIS B 124 16.45 -3.23 -7.89
CA HIS B 124 15.64 -4.39 -7.51
C HIS B 124 14.22 -3.96 -7.19
N TYR B 125 13.25 -4.73 -7.67
CA TYR B 125 11.84 -4.43 -7.44
C TYR B 125 11.41 -4.95 -6.07
N THR B 126 10.76 -4.07 -5.29
CA THR B 126 10.24 -4.49 -3.99
C THR B 126 9.09 -5.48 -4.16
N VAL B 127 8.32 -5.37 -5.26
CA VAL B 127 7.21 -6.28 -5.50
C VAL B 127 7.66 -7.62 -6.07
N GLN B 128 8.96 -7.83 -6.22
CA GLN B 128 9.50 -9.09 -6.76
C GLN B 128 9.82 -10.01 -5.59
N SER B 129 8.97 -11.00 -5.37
CA SER B 129 9.09 -11.84 -4.19
C SER B 129 10.32 -12.74 -4.25
N ASP B 130 11.11 -12.74 -3.18
CA ASP B 130 12.26 -13.62 -3.03
C ASP B 130 12.27 -14.25 -1.63
N GLY B 131 11.09 -14.56 -1.10
CA GLY B 131 11.02 -15.25 0.16
C GLY B 131 11.37 -14.35 1.34
N PHE B 132 11.63 -15.01 2.48
CA PHE B 132 11.93 -14.31 3.72
C PHE B 132 12.98 -15.08 4.50
N GLY B 133 13.86 -14.34 5.17
CA GLY B 133 14.78 -14.91 6.12
C GLY B 133 14.47 -14.39 7.52
N HIS B 134 15.47 -14.31 8.39
CA HIS B 134 15.24 -13.87 9.75
C HIS B 134 16.43 -13.04 10.24
N THR B 135 16.15 -12.12 11.15
CA THR B 135 17.17 -11.45 11.94
C THR B 135 17.14 -12.01 13.35
N ALA B 136 18.29 -11.98 14.01
CA ALA B 136 18.39 -12.46 15.38
C ALA B 136 19.44 -11.64 16.12
N VAL B 137 19.13 -11.31 17.38
CA VAL B 137 20.06 -10.59 18.23
C VAL B 137 20.93 -11.62 18.94
N ILE B 138 22.21 -11.66 18.59
CA ILE B 138 23.18 -12.58 19.15
C ILE B 138 24.26 -11.74 19.81
N GLN B 139 24.24 -11.68 21.14
CA GLN B 139 25.03 -10.73 21.91
C GLN B 139 26.31 -11.35 22.47
N ASP B 140 26.96 -12.23 21.72
CA ASP B 140 28.25 -12.78 22.12
C ASP B 140 28.99 -13.25 20.88
N SER B 141 30.25 -13.63 21.07
CA SER B 141 31.14 -13.94 19.95
C SER B 141 30.73 -15.20 19.19
N ARG B 142 29.80 -15.99 19.71
CA ARG B 142 29.27 -17.10 18.94
C ARG B 142 28.69 -16.64 17.61
N ILE B 143 28.36 -15.36 17.49
CA ILE B 143 27.77 -14.84 16.26
C ILE B 143 28.67 -15.11 15.07
N THR B 144 29.99 -15.23 15.29
CA THR B 144 30.91 -15.41 14.18
C THR B 144 30.61 -16.69 13.41
N ARG B 145 30.04 -17.71 14.08
CA ARG B 145 29.69 -18.95 13.40
C ARG B 145 28.53 -18.79 12.44
N PHE B 146 27.78 -17.69 12.51
CA PHE B 146 26.59 -17.51 11.69
C PHE B 146 26.84 -16.68 10.44
N LYS B 147 28.10 -16.39 10.12
CA LYS B 147 28.47 -16.08 8.75
C LYS B 147 28.75 -17.42 8.08
N THR B 148 27.75 -17.94 7.38
CA THR B 148 27.82 -19.31 6.89
C THR B 148 28.90 -19.46 5.83
N THR B 149 29.63 -20.57 5.92
CA THR B 149 30.62 -20.94 4.91
C THR B 149 30.15 -22.11 4.06
N ALA B 150 28.95 -22.63 4.30
CA ALA B 150 28.36 -23.66 3.46
C ALA B 150 26.86 -23.43 3.44
N ASP B 151 26.22 -23.87 2.36
CA ASP B 151 24.79 -23.68 2.22
C ASP B 151 24.04 -24.44 3.31
N GLN B 152 23.02 -23.81 3.87
CA GLN B 152 22.17 -24.41 4.89
C GLN B 152 20.88 -24.88 4.26
N THR B 153 20.41 -26.05 4.67
CA THR B 153 19.13 -26.57 4.19
C THR B 153 17.96 -26.07 5.00
N GLN B 154 18.21 -25.36 6.11
CA GLN B 154 17.18 -24.70 6.88
C GLN B 154 17.63 -23.29 7.20
N ASP B 155 16.68 -22.46 7.61
CA ASP B 155 17.01 -21.11 8.04
C ASP B 155 17.84 -21.18 9.30
N PRO B 156 19.11 -20.76 9.29
CA PRO B 156 19.98 -20.98 10.46
C PRO B 156 19.66 -20.10 11.66
N LEU B 157 18.85 -19.04 11.50
CA LEU B 157 18.53 -18.15 12.59
C LEU B 157 17.09 -18.26 13.09
N ALA B 158 16.19 -18.82 12.29
CA ALA B 158 14.78 -18.86 12.66
C ALA B 158 14.53 -19.45 14.05
N PRO B 159 15.24 -20.49 14.50
CA PRO B 159 14.93 -21.06 15.82
C PRO B 159 15.24 -20.13 16.99
N PHE B 160 16.06 -19.10 16.79
CA PHE B 160 16.42 -18.22 17.89
C PHE B 160 15.18 -17.59 18.53
N ASP B 161 15.17 -17.56 19.86
CA ASP B 161 14.24 -16.69 20.57
C ASP B 161 14.51 -15.26 20.16
N GLY B 162 13.45 -14.52 19.81
CA GLY B 162 13.61 -13.18 19.30
C GLY B 162 13.84 -13.09 17.81
N ALA B 163 13.98 -14.21 17.12
CA ALA B 163 14.13 -14.18 15.67
C ALA B 163 12.90 -13.55 15.04
N LYS B 164 13.14 -12.65 14.08
CA LYS B 164 12.07 -11.92 13.41
C LYS B 164 12.22 -12.05 11.91
N LYS B 165 11.11 -12.36 11.24
CA LYS B 165 11.09 -12.54 9.80
C LYS B 165 11.31 -11.22 9.08
N TRP B 166 11.99 -11.29 7.94
CA TRP B 166 12.15 -10.15 7.06
C TRP B 166 12.15 -10.64 5.62
N PHE B 167 11.55 -9.84 4.73
CA PHE B 167 11.42 -10.21 3.33
C PHE B 167 12.63 -9.74 2.54
N VAL B 168 13.21 -10.66 1.76
CA VAL B 168 14.46 -10.39 1.06
C VAL B 168 14.35 -9.17 0.16
N SER B 169 13.17 -8.92 -0.40
CA SER B 169 13.01 -7.86 -1.39
C SER B 169 12.70 -6.50 -0.78
N ARG B 170 12.49 -6.42 0.54
CA ARG B 170 12.22 -5.16 1.20
C ARG B 170 13.28 -4.77 2.22
N GLY B 171 14.14 -5.70 2.62
CA GLY B 171 15.11 -5.40 3.65
C GLY B 171 14.49 -5.43 5.03
N PHE B 172 15.22 -4.90 6.00
CA PHE B 172 14.74 -4.92 7.38
C PHE B 172 15.32 -3.73 8.13
N LYS B 173 14.75 -3.52 9.32
CA LYS B 173 15.19 -2.49 10.25
C LYS B 173 15.01 -3.04 11.65
N ARG B 174 16.08 -3.07 12.45
CA ARG B 174 15.98 -3.63 13.78
C ARG B 174 16.87 -2.87 14.74
N LEU B 175 16.36 -2.64 15.94
CA LEU B 175 17.11 -2.05 17.04
C LEU B 175 17.49 -3.13 18.03
N LEU B 176 18.61 -2.92 18.71
CA LEU B 176 19.08 -3.88 19.70
C LEU B 176 19.93 -3.14 20.73
N ARG B 177 20.24 -3.86 21.81
CA ARG B 177 21.17 -3.37 22.83
C ARG B 177 22.44 -4.19 22.76
N PRO B 178 23.48 -3.71 22.08
CA PRO B 178 24.68 -4.53 21.89
C PRO B 178 25.55 -4.54 23.14
N LYS B 179 26.25 -5.66 23.32
CA LYS B 179 26.90 -5.97 24.58
C LYS B 179 28.41 -6.09 24.40
N PRO B 180 29.21 -5.44 25.24
CA PRO B 180 30.64 -5.73 25.29
C PRO B 180 30.91 -6.95 26.16
N GLN B 181 32.03 -7.60 25.88
CA GLN B 181 32.35 -8.91 26.46
C GLN B 181 33.43 -8.74 27.52
N ILE B 182 33.07 -9.01 28.77
CA ILE B 182 34.00 -8.98 29.89
C ILE B 182 34.70 -10.33 30.00
N THR B 183 35.98 -10.30 30.37
CA THR B 183 36.82 -11.49 30.32
C THR B 183 36.73 -12.28 31.63
N ILE B 184 36.60 -13.60 31.50
CA ILE B 184 36.76 -14.54 32.60
C ILE B 184 37.85 -15.53 32.20
N GLU B 185 38.87 -15.67 33.05
CA GLU B 185 39.99 -16.56 32.77
C GLU B 185 40.04 -17.78 33.67
N ASP B 186 39.12 -17.89 34.63
CA ASP B 186 39.14 -19.00 35.60
C ASP B 186 38.12 -20.04 35.16
N LEU B 187 38.56 -20.94 34.29
CA LEU B 187 37.74 -22.03 33.78
C LEU B 187 38.26 -23.36 34.30
N THR B 188 37.44 -24.40 34.15
CA THR B 188 37.86 -25.74 34.54
C THR B 188 38.93 -26.31 33.62
N THR B 189 39.14 -25.71 32.45
CA THR B 189 40.20 -26.11 31.53
C THR B 189 41.25 -25.00 31.51
N ALA B 190 42.52 -25.40 31.58
CA ALA B 190 43.60 -24.44 31.71
C ALA B 190 43.83 -23.71 30.38
N ASN B 191 44.29 -22.46 30.50
CA ASN B 191 44.70 -21.65 29.35
C ASN B 191 43.54 -21.39 28.40
N GLN B 192 42.32 -21.31 28.95
CA GLN B 192 41.15 -20.91 28.20
C GLN B 192 40.42 -19.81 28.96
N SER B 193 39.65 -19.02 28.21
CA SER B 193 38.90 -17.91 28.77
C SER B 193 37.50 -17.89 28.18
N ALA B 194 36.59 -17.23 28.88
CA ALA B 194 35.20 -17.10 28.44
C ALA B 194 34.79 -15.65 28.62
N ALA B 195 33.50 -15.38 28.44
CA ALA B 195 33.00 -14.01 28.43
C ALA B 195 31.79 -13.88 29.36
N LEU B 196 31.53 -12.63 29.74
CA LEU B 196 30.35 -12.25 30.50
C LEU B 196 29.96 -10.85 30.05
N TRP B 197 28.66 -10.58 29.97
CA TRP B 197 28.19 -9.24 29.67
C TRP B 197 27.07 -8.85 30.63
N LEU B 198 26.88 -7.55 30.78
CA LEU B 198 26.02 -6.97 31.78
C LEU B 198 24.63 -6.69 31.21
N ASN B 199 23.61 -6.90 32.04
CA ASN B 199 22.23 -6.71 31.60
C ASN B 199 21.97 -5.25 31.21
N SER B 200 22.38 -4.32 32.07
CA SER B 200 22.09 -2.91 31.89
C SER B 200 23.34 -2.16 31.43
N ALA B 201 23.16 -1.28 30.45
CA ALA B 201 24.24 -0.39 30.03
C ALA B 201 24.60 0.61 31.11
N ARG B 202 23.69 0.90 32.03
CA ARG B 202 23.96 1.84 33.11
C ARG B 202 24.94 1.29 34.14
N THR B 203 25.30 0.01 34.05
CA THR B 203 26.12 -0.60 35.09
C THR B 203 27.58 -0.18 34.98
N GLY B 204 28.09 0.06 33.77
CA GLY B 204 29.51 0.31 33.60
C GLY B 204 29.78 1.39 32.58
N TRP B 205 31.05 1.82 32.56
CA TRP B 205 31.56 2.77 31.59
C TRP B 205 32.81 2.19 30.96
N ILE B 206 33.07 2.55 29.71
CA ILE B 206 34.26 2.12 28.99
C ILE B 206 35.13 3.35 28.76
N PRO B 207 36.31 3.44 29.36
CA PRO B 207 37.21 4.56 29.05
C PRO B 207 37.71 4.49 27.62
N LEU B 208 37.64 5.62 26.92
CA LEU B 208 38.07 5.66 25.53
C LEU B 208 39.53 5.28 25.39
N GLN B 209 40.38 5.75 26.30
CA GLN B 209 41.82 5.51 26.24
C GLN B 209 42.31 4.64 27.40
N GLY B 210 41.42 3.87 28.03
CA GLY B 210 41.83 2.99 29.08
C GLY B 210 42.45 1.71 28.57
N GLY B 211 43.20 1.04 29.44
CA GLY B 211 43.85 -0.19 29.09
C GLY B 211 45.25 0.03 28.56
N PRO B 212 46.03 -1.05 28.45
CA PRO B 212 47.43 -0.91 28.01
C PRO B 212 47.60 -0.54 26.55
N ASN B 213 46.52 -0.49 25.77
CA ASN B 213 46.60 -0.13 24.36
C ASN B 213 45.86 1.15 24.03
N SER B 214 45.21 1.79 25.00
CA SER B 214 44.43 3.00 24.76
C SER B 214 43.42 2.76 23.63
N ALA B 215 42.84 1.56 23.61
CA ALA B 215 41.97 1.11 22.53
C ALA B 215 40.53 0.92 22.98
N GLY B 216 40.06 1.74 23.92
CA GLY B 216 38.73 1.58 24.45
C GLY B 216 37.64 1.70 23.40
N THR B 217 37.88 2.49 22.35
CA THR B 217 36.88 2.67 21.29
C THR B 217 36.78 1.46 20.39
N LYS B 218 37.67 0.48 20.51
CA LYS B 218 37.67 -0.70 19.66
C LYS B 218 36.98 -1.89 20.31
N VAL B 219 36.38 -1.71 21.48
CA VAL B 219 35.63 -2.80 22.10
C VAL B 219 34.51 -3.23 21.18
N ARG B 220 34.44 -4.52 20.89
CA ARG B 220 33.44 -5.06 19.97
C ARG B 220 32.16 -5.35 20.76
N HIS B 221 31.06 -4.74 20.34
CA HIS B 221 29.76 -4.97 20.95
C HIS B 221 28.92 -5.85 20.04
N TYR B 222 28.34 -6.90 20.60
CA TYR B 222 27.51 -7.84 19.84
C TYR B 222 26.03 -7.59 20.13
N GLY B 223 25.15 -7.71 19.15
CA GLY B 223 25.46 -8.13 17.79
C GLY B 223 24.18 -8.57 17.11
N ILE B 224 24.13 -8.47 15.78
CA ILE B 224 22.94 -8.84 15.02
C ILE B 224 23.34 -9.68 13.81
N ALA B 225 22.59 -10.76 13.59
CA ALA B 225 22.77 -11.62 12.43
C ALA B 225 21.51 -11.57 11.58
N PHE B 226 21.65 -11.90 10.30
CA PHE B 226 20.52 -11.95 9.39
C PHE B 226 20.72 -13.09 8.39
N SER B 227 19.66 -13.85 8.17
CA SER B 227 19.66 -14.98 7.26
C SER B 227 18.78 -14.66 6.06
N PHE B 228 18.94 -15.45 5.00
CA PHE B 228 18.19 -15.21 3.78
C PHE B 228 18.13 -16.48 2.96
N PRO B 229 17.00 -16.78 2.33
CA PRO B 229 16.99 -17.83 1.30
C PRO B 229 17.67 -17.32 0.04
N GLN B 230 18.51 -18.16 -0.54
CA GLN B 230 19.31 -17.73 -1.68
C GLN B 230 18.39 -17.40 -2.85
N PRO B 231 18.49 -16.20 -3.44
CA PRO B 231 17.59 -15.82 -4.52
C PRO B 231 18.10 -16.28 -5.89
N GLU B 232 17.22 -16.13 -6.89
CA GLU B 232 17.57 -16.50 -8.26
C GLU B 232 18.43 -15.46 -8.96
N GLN B 233 18.49 -14.24 -8.44
CA GLN B 233 19.35 -13.21 -8.99
C GLN B 233 20.01 -12.46 -7.86
N THR B 234 21.16 -11.86 -8.16
CA THR B 234 21.92 -11.13 -7.15
C THR B 234 21.14 -9.89 -6.72
N ILE B 235 21.18 -9.60 -5.42
CA ILE B 235 20.51 -8.44 -4.84
C ILE B 235 21.55 -7.63 -4.08
N THR B 236 21.59 -6.33 -4.35
CA THR B 236 22.48 -5.41 -3.67
C THR B 236 21.68 -4.55 -2.70
N TYR B 237 22.28 -4.23 -1.56
CA TYR B 237 21.61 -3.46 -0.52
C TYR B 237 22.50 -2.31 -0.07
N VAL B 238 21.85 -1.29 0.49
CA VAL B 238 22.51 -0.23 1.23
C VAL B 238 22.20 -0.45 2.70
N THR B 239 23.23 -0.58 3.53
CA THR B 239 23.09 -0.80 4.95
C THR B 239 23.49 0.47 5.70
N LYS B 240 22.66 0.88 6.66
CA LYS B 240 22.96 2.01 7.53
C LYS B 240 22.96 1.50 8.97
N LEU B 241 24.06 1.72 9.67
CA LEU B 241 24.16 1.41 11.10
C LEU B 241 24.14 2.71 11.88
N THR B 242 23.48 2.69 13.03
CA THR B 242 23.36 3.86 13.89
C THR B 242 23.67 3.46 15.33
N LEU B 243 24.52 4.24 16.00
CA LEU B 243 24.81 4.05 17.41
C LEU B 243 24.23 5.22 18.20
N TYR B 244 23.63 4.89 19.34
CA TYR B 244 23.21 5.88 20.32
C TYR B 244 24.13 5.72 21.51
N VAL B 245 25.08 6.65 21.65
CA VAL B 245 26.21 6.51 22.55
C VAL B 245 26.16 7.62 23.58
N GLN B 246 26.29 7.25 24.85
CA GLN B 246 26.46 8.20 25.93
C GLN B 246 27.95 8.34 26.24
N PHE B 247 28.40 9.57 26.42
CA PHE B 247 29.78 9.87 26.78
C PHE B 247 29.80 10.57 28.13
N ARG B 248 30.89 10.36 28.87
CA ARG B 248 31.03 10.87 30.23
C ARG B 248 32.30 11.70 30.33
N GLN B 249 32.16 12.92 30.85
CA GLN B 249 33.30 13.76 31.21
C GLN B 249 34.02 14.33 29.98
N PHE B 250 33.68 15.56 29.61
CA PHE B 250 34.47 16.28 28.62
C PHE B 250 35.92 16.36 29.08
N ALA B 251 36.85 16.07 28.18
CA ALA B 251 38.24 15.91 28.56
C ALA B 251 39.16 16.66 27.62
N PRO B 252 40.33 17.09 28.10
CA PRO B 252 41.30 17.74 27.22
C PRO B 252 42.02 16.72 26.34
N ASN B 253 42.81 17.24 25.41
CA ASN B 253 43.76 16.41 24.68
C ASN B 253 44.82 15.89 25.63
N ASN B 254 45.52 14.84 25.19
CA ASN B 254 46.65 14.35 25.95
C ASN B 254 47.72 15.42 26.02
N PRO B 255 48.44 15.53 27.14
CA PRO B 255 49.46 16.58 27.26
C PRO B 255 50.48 16.49 26.13
N SER B 256 51.05 17.65 25.79
CA SER B 256 52.11 17.68 24.80
C SER B 256 53.40 17.09 25.37
N THR B 257 54.19 16.48 24.50
CA THR B 257 55.42 15.81 24.91
C THR B 257 56.63 16.41 24.22
N PHE C 52 -36.95 -29.18 18.66
CA PHE C 52 -37.01 -29.62 17.27
C PHE C 52 -38.44 -29.52 16.75
N SER C 53 -38.87 -28.29 16.47
CA SER C 53 -40.23 -27.99 16.06
C SER C 53 -40.30 -27.79 14.54
N THR C 54 -41.54 -27.71 14.04
CA THR C 54 -41.76 -27.48 12.62
C THR C 54 -40.96 -26.28 12.11
N ASN C 55 -40.84 -25.25 12.93
CA ASN C 55 -40.24 -23.99 12.52
C ASN C 55 -38.74 -23.90 12.82
N ARG C 56 -38.11 -25.02 13.17
CA ARG C 56 -36.68 -24.99 13.45
C ARG C 56 -35.90 -24.53 12.23
N ILE C 57 -34.95 -23.62 12.45
CA ILE C 57 -34.21 -22.97 11.37
C ILE C 57 -32.74 -23.37 11.44
N TYR C 58 -32.14 -23.54 10.26
CA TYR C 58 -30.71 -23.79 10.12
C TYR C 58 -30.15 -22.80 9.12
N THR C 59 -28.87 -22.49 9.27
CA THR C 59 -28.21 -21.51 8.39
C THR C 59 -26.93 -22.10 7.84
N LEU C 60 -26.76 -22.02 6.52
CA LEU C 60 -25.59 -22.56 5.84
C LEU C 60 -24.98 -21.50 4.94
N ARG C 61 -23.67 -21.61 4.73
CA ARG C 61 -22.95 -20.82 3.76
C ARG C 61 -22.58 -21.71 2.58
N LEU C 62 -22.91 -21.25 1.37
CA LEU C 62 -22.64 -22.00 0.16
C LEU C 62 -21.91 -21.12 -0.84
N THR C 63 -21.03 -21.74 -1.63
CA THR C 63 -20.19 -20.98 -2.54
C THR C 63 -19.94 -21.77 -3.82
N ARG C 64 -19.66 -21.05 -4.90
CA ARG C 64 -19.24 -21.64 -6.16
C ARG C 64 -18.38 -20.62 -6.89
N GLN C 65 -17.58 -21.11 -7.82
CA GLN C 65 -16.64 -20.26 -8.55
C GLN C 65 -16.72 -20.54 -10.05
N PHE C 66 -16.25 -19.58 -10.82
CA PHE C 66 -16.18 -19.72 -12.27
C PHE C 66 -15.29 -18.61 -12.82
N GLN C 67 -14.91 -18.77 -14.09
CA GLN C 67 -14.02 -17.84 -14.77
C GLN C 67 -14.82 -16.82 -15.57
N PHE C 68 -14.28 -15.61 -15.65
CA PHE C 68 -14.88 -14.57 -16.46
C PHE C 68 -13.78 -13.84 -17.22
N LYS C 69 -14.07 -13.45 -18.45
CA LYS C 69 -13.12 -12.78 -19.33
C LYS C 69 -13.68 -11.45 -19.80
N ILE C 70 -12.84 -10.42 -19.78
CA ILE C 70 -13.10 -9.18 -20.47
C ILE C 70 -12.14 -9.12 -21.66
N ASN C 71 -12.69 -9.08 -22.87
CA ASN C 71 -11.90 -9.26 -24.07
C ASN C 71 -11.19 -7.97 -24.48
N LYS C 72 -10.03 -8.14 -25.10
CA LYS C 72 -9.33 -7.04 -25.73
C LYS C 72 -10.27 -6.24 -26.62
N GLN C 73 -10.14 -4.92 -26.59
CA GLN C 73 -10.95 -4.07 -27.43
C GLN C 73 -10.51 -4.21 -28.88
N THR C 74 -11.44 -4.63 -29.74
CA THR C 74 -11.20 -4.78 -31.17
C THR C 74 -12.17 -3.96 -32.00
N THR C 75 -13.02 -3.14 -31.38
CA THR C 75 -14.00 -2.33 -32.07
C THR C 75 -13.82 -0.88 -31.65
N SER C 76 -14.21 0.03 -32.55
CA SER C 76 -14.08 1.46 -32.32
C SER C 76 -12.73 1.78 -31.70
N VAL C 77 -11.68 1.15 -32.22
CA VAL C 77 -10.36 1.24 -31.59
C VAL C 77 -9.96 2.69 -31.40
N GLY C 78 -9.28 2.97 -30.29
CA GLY C 78 -8.88 4.30 -29.94
C GLY C 78 -9.91 5.11 -29.17
N ASN C 79 -11.14 4.62 -29.09
CA ASN C 79 -12.21 5.30 -28.39
C ASN C 79 -12.57 4.57 -27.10
N LEU C 80 -13.23 5.29 -26.20
CA LEU C 80 -13.70 4.75 -24.94
C LEU C 80 -15.07 4.12 -25.16
N ILE C 81 -15.20 2.83 -24.84
CA ILE C 81 -16.47 2.12 -24.90
C ILE C 81 -16.63 1.30 -23.64
N PHE C 82 -17.89 0.96 -23.32
CA PHE C 82 -18.22 0.20 -22.13
C PHE C 82 -19.07 -1.00 -22.51
N ASN C 83 -18.95 -2.07 -21.71
CA ASN C 83 -19.83 -3.21 -21.80
C ASN C 83 -20.15 -3.68 -20.38
N ALA C 84 -21.12 -4.57 -20.27
CA ALA C 84 -21.58 -5.02 -18.96
C ALA C 84 -22.09 -6.45 -19.05
N ASP C 85 -22.08 -7.12 -17.91
CA ASP C 85 -22.66 -8.45 -17.75
C ASP C 85 -23.33 -8.48 -16.39
N TYR C 86 -23.83 -9.65 -15.97
CA TYR C 86 -24.57 -9.72 -14.72
C TYR C 86 -24.57 -11.13 -14.19
N ILE C 87 -24.98 -11.26 -12.93
CA ILE C 87 -25.06 -12.52 -12.22
C ILE C 87 -26.38 -12.58 -11.47
N THR C 88 -27.00 -13.76 -11.44
CA THR C 88 -28.15 -14.03 -10.61
C THR C 88 -27.84 -15.23 -9.71
N PHE C 89 -28.71 -15.47 -8.74
CA PHE C 89 -28.46 -16.44 -7.68
C PHE C 89 -29.63 -17.39 -7.57
N ALA C 90 -29.34 -18.70 -7.70
CA ALA C 90 -30.32 -19.74 -7.46
C ALA C 90 -29.67 -20.83 -6.63
N LEU C 91 -30.39 -21.29 -5.60
CA LEU C 91 -29.86 -22.33 -4.72
C LEU C 91 -29.36 -23.52 -5.52
N ASP C 92 -30.11 -23.93 -6.55
CA ASP C 92 -29.72 -25.09 -7.34
C ASP C 92 -28.36 -24.88 -8.01
N ASP C 93 -28.04 -23.64 -8.40
CA ASP C 93 -26.74 -23.38 -8.99
C ASP C 93 -25.60 -23.81 -8.06
N PHE C 94 -25.80 -23.64 -6.75
CA PHE C 94 -24.76 -23.95 -5.78
C PHE C 94 -24.78 -25.41 -5.35
N LEU C 95 -25.95 -26.04 -5.28
CA LEU C 95 -26.00 -27.44 -4.89
C LEU C 95 -25.47 -28.35 -5.99
N GLN C 96 -25.59 -27.94 -7.26
CA GLN C 96 -25.05 -28.74 -8.34
C GLN C 96 -23.54 -28.61 -8.48
N ALA C 97 -22.93 -27.63 -7.81
CA ALA C 97 -21.47 -27.53 -7.84
C ALA C 97 -20.85 -28.79 -7.25
N VAL C 98 -19.75 -29.23 -7.86
CA VAL C 98 -19.17 -30.54 -7.53
C VAL C 98 -18.98 -30.72 -6.03
N PRO C 99 -18.29 -29.81 -5.31
CA PRO C 99 -17.94 -30.10 -3.91
C PRO C 99 -19.06 -29.88 -2.91
N ASN C 100 -20.24 -29.46 -3.35
CA ASN C 100 -21.33 -29.16 -2.42
C ASN C 100 -22.31 -30.32 -2.34
N PRO C 101 -23.09 -30.40 -1.26
CA PRO C 101 -24.16 -31.39 -1.21
C PRO C 101 -25.21 -31.09 -2.28
N HIS C 102 -25.54 -32.13 -3.06
CA HIS C 102 -26.41 -31.95 -4.22
C HIS C 102 -27.88 -31.99 -3.87
N THR C 103 -28.24 -32.51 -2.70
CA THR C 103 -29.58 -32.39 -2.16
C THR C 103 -29.48 -32.04 -0.69
N LEU C 104 -30.46 -31.30 -0.20
CA LEU C 104 -30.54 -30.92 1.20
C LEU C 104 -31.85 -31.43 1.79
N ASN C 105 -31.78 -31.93 3.02
CA ASN C 105 -32.95 -32.49 3.69
C ASN C 105 -33.62 -31.43 4.57
N PHE C 106 -34.09 -30.38 3.90
CA PHE C 106 -34.87 -29.34 4.53
C PHE C 106 -36.12 -29.08 3.70
N GLU C 107 -37.15 -28.56 4.36
CA GLU C 107 -38.43 -28.35 3.70
C GLU C 107 -38.51 -27.00 2.99
N ASP C 108 -37.96 -25.94 3.59
CA ASP C 108 -38.03 -24.61 3.01
C ASP C 108 -36.68 -23.92 3.14
N TYR C 109 -36.52 -22.83 2.41
CA TYR C 109 -35.29 -22.05 2.47
C TYR C 109 -35.61 -20.59 2.15
N ARG C 110 -34.66 -19.72 2.46
CA ARG C 110 -34.73 -18.33 2.04
C ARG C 110 -33.32 -17.75 2.03
N ILE C 111 -32.99 -17.02 0.97
CA ILE C 111 -31.66 -16.45 0.80
C ILE C 111 -31.64 -15.10 1.50
N LYS C 112 -30.92 -15.01 2.61
CA LYS C 112 -30.80 -13.76 3.34
C LYS C 112 -29.79 -12.83 2.68
N LEU C 113 -28.74 -13.38 2.09
CA LEU C 113 -27.62 -12.57 1.63
C LEU C 113 -26.88 -13.32 0.54
N ALA C 114 -26.34 -12.55 -0.41
CA ALA C 114 -25.52 -13.10 -1.47
C ALA C 114 -24.30 -12.21 -1.64
N LYS C 115 -23.19 -12.81 -2.09
CA LYS C 115 -21.93 -12.11 -2.22
C LYS C 115 -21.30 -12.49 -3.56
N MET C 116 -20.77 -11.48 -4.26
CA MET C 116 -20.01 -11.69 -5.48
C MET C 116 -18.62 -11.07 -5.30
N GLU C 117 -17.60 -11.83 -5.68
CA GLU C 117 -16.22 -11.36 -5.61
C GLU C 117 -15.49 -11.83 -6.85
N MET C 118 -15.04 -10.86 -7.66
CA MET C 118 -14.35 -11.13 -8.91
C MET C 118 -12.96 -10.51 -8.82
N ARG C 119 -11.93 -11.32 -9.01
CA ARG C 119 -10.55 -10.87 -8.90
C ARG C 119 -9.75 -11.33 -10.11
N PRO C 120 -8.79 -10.52 -10.57
CA PRO C 120 -8.05 -10.87 -11.78
C PRO C 120 -7.10 -12.03 -11.56
N THR C 121 -6.85 -12.77 -12.63
CA THR C 121 -5.89 -13.86 -12.62
C THR C 121 -5.12 -13.81 -13.95
N GLY C 122 -4.47 -14.92 -14.29
CA GLY C 122 -3.75 -15.01 -15.54
C GLY C 122 -2.54 -14.12 -15.65
N GLY C 123 -2.00 -13.66 -14.52
CA GLY C 123 -0.82 -12.82 -14.55
C GLY C 123 -1.07 -11.35 -14.80
N HIS C 124 -2.32 -10.90 -14.73
CA HIS C 124 -2.61 -9.49 -14.90
C HIS C 124 -2.05 -8.69 -13.74
N TYR C 125 -1.42 -7.56 -14.05
CA TYR C 125 -0.83 -6.70 -13.04
C TYR C 125 -1.90 -5.82 -12.41
N THR C 126 -1.99 -5.85 -11.09
CA THR C 126 -2.92 -4.98 -10.38
C THR C 126 -2.55 -3.51 -10.56
N VAL C 127 -1.24 -3.21 -10.67
CA VAL C 127 -0.80 -1.83 -10.85
C VAL C 127 -0.91 -1.37 -12.29
N GLN C 128 -1.46 -2.18 -13.18
CA GLN C 128 -1.63 -1.82 -14.59
C GLN C 128 -3.03 -1.28 -14.76
N SER C 129 -3.19 0.03 -14.66
CA SER C 129 -4.50 0.65 -14.63
C SER C 129 -5.21 0.47 -15.97
N ASP C 130 -6.47 0.02 -15.91
CA ASP C 130 -7.34 -0.08 -17.07
C ASP C 130 -8.68 0.58 -16.79
N GLY C 131 -8.65 1.72 -16.11
CA GLY C 131 -9.87 2.47 -15.87
C GLY C 131 -10.74 1.83 -14.80
N PHE C 132 -11.99 2.29 -14.76
CA PHE C 132 -12.94 1.83 -13.75
C PHE C 132 -14.33 1.73 -14.36
N GLY C 133 -15.08 0.73 -13.91
CA GLY C 133 -16.48 0.58 -14.25
C GLY C 133 -17.32 0.68 -12.99
N HIS C 134 -18.51 0.08 -13.00
CA HIS C 134 -19.41 0.15 -11.86
C HIS C 134 -20.11 -1.19 -11.66
N THR C 135 -20.48 -1.45 -10.41
CA THR C 135 -21.41 -2.51 -10.07
C THR C 135 -22.74 -1.87 -9.67
N ALA C 136 -23.82 -2.62 -9.87
CA ALA C 136 -25.15 -2.12 -9.53
C ALA C 136 -26.01 -3.30 -9.08
N VAL C 137 -26.81 -3.07 -8.06
CA VAL C 137 -27.75 -4.07 -7.55
C VAL C 137 -29.06 -3.88 -8.31
N ILE C 138 -29.41 -4.86 -9.13
CA ILE C 138 -30.62 -4.83 -9.94
C ILE C 138 -31.43 -6.07 -9.56
N GLN C 139 -32.52 -5.85 -8.82
CA GLN C 139 -33.25 -6.93 -8.16
C GLN C 139 -34.51 -7.33 -8.93
N ASP C 140 -34.46 -7.32 -10.25
CA ASP C 140 -35.58 -7.79 -11.07
C ASP C 140 -35.04 -8.20 -12.42
N SER C 141 -35.91 -8.81 -13.23
CA SER C 141 -35.48 -9.43 -14.48
C SER C 141 -35.01 -8.42 -15.52
N ARG C 142 -35.22 -7.12 -15.30
CA ARG C 142 -34.67 -6.13 -16.20
C ARG C 142 -33.16 -6.26 -16.35
N ILE C 143 -32.49 -6.88 -15.37
CA ILE C 143 -31.04 -7.00 -15.39
C ILE C 143 -30.55 -7.70 -16.65
N THR C 144 -31.40 -8.52 -17.29
CA THR C 144 -30.95 -9.27 -18.46
C THR C 144 -30.57 -8.34 -19.61
N ARG C 145 -31.14 -7.14 -19.65
CA ARG C 145 -30.78 -6.17 -20.68
C ARG C 145 -29.40 -5.60 -20.50
N PHE C 146 -28.77 -5.81 -19.33
CA PHE C 146 -27.47 -5.22 -19.03
C PHE C 146 -26.33 -6.18 -19.28
N LYS C 147 -26.58 -7.31 -19.94
CA LYS C 147 -25.53 -8.03 -20.65
C LYS C 147 -25.51 -7.43 -22.06
N THR C 148 -24.63 -6.46 -22.26
CA THR C 148 -24.68 -5.65 -23.48
C THR C 148 -24.35 -6.49 -24.70
N THR C 149 -25.12 -6.29 -25.76
CA THR C 149 -24.87 -6.90 -27.06
C THR C 149 -24.27 -5.92 -28.05
N ALA C 150 -24.12 -4.67 -27.67
CA ALA C 150 -23.46 -3.67 -28.49
C ALA C 150 -22.61 -2.78 -27.58
N ASP C 151 -21.57 -2.19 -28.17
CA ASP C 151 -20.70 -1.32 -27.39
C ASP C 151 -21.46 -0.08 -26.93
N GLN C 152 -21.27 0.28 -25.66
CA GLN C 152 -21.89 1.46 -25.08
C GLN C 152 -20.91 2.61 -25.07
N THR C 153 -21.38 3.80 -25.46
CA THR C 153 -20.54 4.99 -25.43
C THR C 153 -20.46 5.62 -24.04
N GLN C 154 -21.30 5.18 -23.10
CA GLN C 154 -21.23 5.60 -21.72
C GLN C 154 -21.29 4.37 -20.83
N ASP C 155 -20.89 4.54 -19.58
CA ASP C 155 -20.99 3.46 -18.61
C ASP C 155 -22.47 3.15 -18.38
N PRO C 156 -22.98 1.98 -18.79
CA PRO C 156 -24.43 1.74 -18.71
C PRO C 156 -24.98 1.59 -17.31
N LEU C 157 -24.13 1.38 -16.30
CA LEU C 157 -24.58 1.17 -14.94
C LEU C 157 -24.32 2.34 -14.00
N ALA C 158 -23.46 3.27 -14.38
CA ALA C 158 -23.11 4.37 -13.48
C ALA C 158 -24.31 5.17 -13.01
N PRO C 159 -25.34 5.45 -13.83
CA PRO C 159 -26.45 6.28 -13.34
C PRO C 159 -27.29 5.63 -12.25
N PHE C 160 -27.18 4.32 -12.05
CA PHE C 160 -27.99 3.64 -11.05
C PHE C 160 -27.73 4.21 -9.66
N ASP C 161 -28.81 4.46 -8.92
CA ASP C 161 -28.69 4.64 -7.48
C ASP C 161 -28.08 3.38 -6.88
N GLY C 162 -27.08 3.56 -6.02
CA GLY C 162 -26.33 2.45 -5.48
C GLY C 162 -25.17 2.00 -6.33
N ALA C 163 -24.99 2.57 -7.52
CA ALA C 163 -23.85 2.22 -8.35
C ALA C 163 -22.56 2.53 -7.62
N LYS C 164 -21.65 1.56 -7.60
CA LYS C 164 -20.36 1.71 -6.95
C LYS C 164 -19.24 1.47 -7.95
N LYS C 165 -18.22 2.32 -7.88
CA LYS C 165 -17.08 2.23 -8.78
C LYS C 165 -16.19 1.06 -8.43
N TRP C 166 -15.60 0.44 -9.45
CA TRP C 166 -14.60 -0.59 -9.25
C TRP C 166 -13.55 -0.48 -10.35
N PHE C 167 -12.30 -0.74 -9.99
CA PHE C 167 -11.20 -0.64 -10.94
C PHE C 167 -10.98 -1.97 -11.64
N VAL C 168 -10.86 -1.92 -12.96
CA VAL C 168 -10.80 -3.14 -13.78
C VAL C 168 -9.65 -4.04 -13.33
N SER C 169 -8.52 -3.45 -12.95
CA SER C 169 -7.34 -4.24 -12.65
C SER C 169 -7.35 -4.81 -11.23
N ARG C 170 -8.32 -4.45 -10.40
CA ARG C 170 -8.40 -4.95 -9.04
C ARG C 170 -9.60 -5.83 -8.78
N GLY C 171 -10.62 -5.79 -9.63
CA GLY C 171 -11.84 -6.53 -9.36
C GLY C 171 -12.69 -5.79 -8.34
N PHE C 172 -13.66 -6.52 -7.79
CA PHE C 172 -14.58 -5.92 -6.83
C PHE C 172 -15.13 -7.00 -5.90
N LYS C 173 -15.81 -6.54 -4.86
CA LYS C 173 -16.49 -7.40 -3.90
C LYS C 173 -17.71 -6.64 -3.42
N ARG C 174 -18.87 -7.27 -3.50
CA ARG C 174 -20.11 -6.60 -3.12
C ARG C 174 -21.10 -7.60 -2.55
N LEU C 175 -21.78 -7.19 -1.48
CA LEU C 175 -22.85 -7.96 -0.88
C LEU C 175 -24.18 -7.33 -1.25
N LEU C 176 -25.22 -8.16 -1.30
CA LEU C 176 -26.54 -7.69 -1.65
C LEU C 176 -27.57 -8.64 -1.08
N ARG C 177 -28.83 -8.20 -1.14
CA ARG C 177 -29.97 -9.03 -0.78
C ARG C 177 -30.74 -9.38 -2.04
N PRO C 178 -30.50 -10.55 -2.63
CA PRO C 178 -31.16 -10.86 -3.91
C PRO C 178 -32.61 -11.27 -3.70
N LYS C 179 -33.43 -10.96 -4.69
CA LYS C 179 -34.88 -11.01 -4.54
C LYS C 179 -35.50 -12.04 -5.47
N PRO C 180 -36.37 -12.93 -4.98
CA PRO C 180 -37.19 -13.72 -5.88
C PRO C 180 -38.40 -12.94 -6.37
N GLN C 181 -38.92 -13.35 -7.51
CA GLN C 181 -39.94 -12.57 -8.24
C GLN C 181 -41.28 -13.27 -8.13
N ILE C 182 -42.20 -12.68 -7.36
CA ILE C 182 -43.57 -13.17 -7.24
C ILE C 182 -44.36 -12.74 -8.47
N THR C 183 -45.29 -13.60 -8.89
CA THR C 183 -46.02 -13.39 -10.14
C THR C 183 -47.27 -12.56 -9.92
N ILE C 184 -47.52 -11.64 -10.85
CA ILE C 184 -48.79 -10.91 -10.96
C ILE C 184 -49.25 -11.08 -12.40
N GLU C 185 -50.46 -11.61 -12.58
CA GLU C 185 -51.01 -11.85 -13.90
C GLU C 185 -52.17 -10.93 -14.25
N ASP C 186 -52.60 -10.08 -13.32
CA ASP C 186 -53.74 -9.19 -13.55
C ASP C 186 -53.19 -7.84 -14.00
N LEU C 187 -53.00 -7.69 -15.31
CA LEU C 187 -52.48 -6.47 -15.91
C LEU C 187 -53.53 -5.86 -16.82
N THR C 188 -53.33 -4.59 -17.18
CA THR C 188 -54.26 -3.92 -18.08
C THR C 188 -54.18 -4.48 -19.50
N THR C 189 -53.09 -5.16 -19.84
CA THR C 189 -52.96 -5.85 -21.12
C THR C 189 -53.17 -7.35 -20.90
N ALA C 190 -53.96 -7.95 -21.77
CA ALA C 190 -54.29 -9.36 -21.63
C ALA C 190 -53.07 -10.24 -21.95
N ASN C 191 -53.03 -11.40 -21.31
CA ASN C 191 -52.02 -12.41 -21.59
C ASN C 191 -50.60 -11.90 -21.31
N GLN C 192 -50.46 -11.04 -20.32
CA GLN C 192 -49.16 -10.57 -19.87
C GLN C 192 -49.11 -10.63 -18.35
N SER C 193 -47.90 -10.83 -17.82
CA SER C 193 -47.68 -10.92 -16.39
C SER C 193 -46.53 -9.99 -16.00
N ALA C 194 -46.45 -9.70 -14.70
CA ALA C 194 -45.40 -8.85 -14.16
C ALA C 194 -44.93 -9.48 -12.85
N ALA C 195 -44.06 -8.76 -12.14
CA ALA C 195 -43.38 -9.29 -10.97
C ALA C 195 -43.57 -8.39 -9.77
N LEU C 196 -43.30 -8.96 -8.60
CA LEU C 196 -43.29 -8.24 -7.33
C LEU C 196 -42.35 -9.01 -6.41
N TRP C 197 -41.54 -8.27 -5.64
CA TRP C 197 -40.68 -8.91 -4.67
C TRP C 197 -40.82 -8.24 -3.31
N LEU C 198 -40.53 -9.02 -2.26
CA LEU C 198 -40.80 -8.62 -0.89
C LEU C 198 -39.60 -7.90 -0.28
N ASN C 199 -39.89 -6.90 0.55
CA ASN C 199 -38.82 -6.06 1.08
C ASN C 199 -37.92 -6.84 2.04
N SER C 200 -38.50 -7.71 2.85
CA SER C 200 -37.76 -8.45 3.87
C SER C 200 -37.75 -9.93 3.54
N ALA C 201 -36.58 -10.56 3.69
CA ALA C 201 -36.47 -12.00 3.48
C ALA C 201 -37.24 -12.78 4.53
N ARG C 202 -37.43 -12.22 5.72
CA ARG C 202 -38.18 -12.89 6.78
C ARG C 202 -39.67 -13.00 6.48
N THR C 203 -40.15 -12.37 5.41
CA THR C 203 -41.58 -12.35 5.14
C THR C 203 -42.09 -13.71 4.66
N GLY C 204 -41.29 -14.45 3.89
CA GLY C 204 -41.75 -15.66 3.26
C GLY C 204 -40.71 -16.76 3.27
N TRP C 205 -41.15 -17.94 2.86
CA TRP C 205 -40.31 -19.11 2.71
C TRP C 205 -40.56 -19.74 1.35
N ILE C 206 -39.51 -20.30 0.77
CA ILE C 206 -39.61 -21.02 -0.50
C ILE C 206 -39.43 -22.51 -0.19
N PRO C 207 -40.47 -23.35 -0.36
CA PRO C 207 -40.27 -24.79 -0.19
C PRO C 207 -39.37 -25.34 -1.28
N LEU C 208 -38.43 -26.20 -0.88
CA LEU C 208 -37.47 -26.74 -1.84
C LEU C 208 -38.15 -27.54 -2.93
N GLN C 209 -39.18 -28.32 -2.58
CA GLN C 209 -39.88 -29.18 -3.52
C GLN C 209 -41.32 -28.74 -3.75
N GLY C 210 -41.64 -27.47 -3.47
CA GLY C 210 -42.99 -26.99 -3.68
C GLY C 210 -43.23 -26.59 -5.12
N GLY C 211 -44.51 -26.48 -5.46
CA GLY C 211 -44.91 -26.10 -6.80
C GLY C 211 -45.11 -27.29 -7.70
N PRO C 212 -45.71 -27.07 -8.87
CA PRO C 212 -46.02 -28.18 -9.78
C PRO C 212 -44.80 -28.84 -10.40
N ASN C 213 -43.62 -28.23 -10.30
CA ASN C 213 -42.40 -28.81 -10.83
C ASN C 213 -41.44 -29.31 -9.77
N SER C 214 -41.74 -29.10 -8.49
CA SER C 214 -40.84 -29.48 -7.40
C SER C 214 -39.47 -28.86 -7.61
N ALA C 215 -39.45 -27.63 -8.13
CA ALA C 215 -38.22 -26.95 -8.51
C ALA C 215 -38.00 -25.70 -7.66
N GLY C 216 -38.30 -25.80 -6.37
CA GLY C 216 -38.16 -24.65 -5.50
C GLY C 216 -36.75 -24.11 -5.44
N THR C 217 -35.75 -24.99 -5.53
CA THR C 217 -34.36 -24.57 -5.45
C THR C 217 -33.90 -23.82 -6.69
N LYS C 218 -34.71 -23.78 -7.75
CA LYS C 218 -34.33 -23.13 -8.99
C LYS C 218 -34.91 -21.73 -9.14
N VAL C 219 -35.58 -21.22 -8.10
CA VAL C 219 -36.07 -19.85 -8.14
C VAL C 219 -34.89 -18.91 -8.32
N ARG C 220 -35.01 -17.99 -9.28
CA ARG C 220 -33.92 -17.10 -9.62
C ARG C 220 -34.02 -15.82 -8.78
N HIS C 221 -32.97 -15.54 -8.01
CA HIS C 221 -32.91 -14.36 -7.17
C HIS C 221 -32.02 -13.31 -7.83
N TYR C 222 -32.56 -12.10 -8.02
CA TYR C 222 -31.82 -11.00 -8.63
C TYR C 222 -31.32 -10.05 -7.54
N GLY C 223 -30.10 -9.50 -7.68
CA GLY C 223 -29.23 -9.68 -8.83
C GLY C 223 -28.19 -8.57 -8.85
N ILE C 224 -27.02 -8.83 -9.43
CA ILE C 224 -25.95 -7.84 -9.49
C ILE C 224 -25.38 -7.81 -10.90
N ALA C 225 -25.16 -6.60 -11.40
CA ALA C 225 -24.54 -6.37 -12.71
C ALA C 225 -23.27 -5.57 -12.53
N PHE C 226 -22.37 -5.70 -13.48
CA PHE C 226 -21.08 -5.00 -13.44
C PHE C 226 -20.70 -4.58 -14.86
N SER C 227 -20.21 -3.35 -14.97
CA SER C 227 -19.80 -2.76 -16.23
C SER C 227 -18.30 -2.50 -16.20
N PHE C 228 -17.74 -2.24 -17.39
CA PHE C 228 -16.30 -2.04 -17.50
C PHE C 228 -15.98 -1.28 -18.77
N PRO C 229 -15.00 -0.38 -18.75
CA PRO C 229 -14.47 0.15 -20.02
C PRO C 229 -13.58 -0.88 -20.70
N GLN C 230 -13.76 -1.02 -22.00
CA GLN C 230 -13.08 -2.09 -22.72
C GLN C 230 -11.57 -1.89 -22.64
N PRO C 231 -10.80 -2.87 -22.18
CA PRO C 231 -9.36 -2.70 -22.03
C PRO C 231 -8.59 -2.97 -23.32
N GLU C 232 -7.32 -2.58 -23.32
CA GLU C 232 -6.46 -2.79 -24.47
C GLU C 232 -5.97 -4.23 -24.59
N GLN C 233 -6.11 -5.03 -23.52
CA GLN C 233 -5.70 -6.42 -23.56
C GLN C 233 -6.72 -7.25 -22.76
N THR C 234 -6.83 -8.53 -23.13
CA THR C 234 -7.78 -9.41 -22.47
C THR C 234 -7.38 -9.60 -21.00
N ILE C 235 -8.39 -9.63 -20.14
CA ILE C 235 -8.20 -9.83 -18.70
C ILE C 235 -9.10 -10.99 -18.27
N THR C 236 -8.52 -11.93 -17.52
CA THR C 236 -9.24 -13.07 -16.99
C THR C 236 -9.43 -12.89 -15.48
N TYR C 237 -10.57 -13.33 -14.97
CA TYR C 237 -10.91 -13.17 -13.57
C TYR C 237 -11.37 -14.49 -12.98
N VAL C 238 -11.18 -14.63 -11.67
CA VAL C 238 -11.79 -15.70 -10.89
C VAL C 238 -12.95 -15.09 -10.12
N THR C 239 -14.14 -15.62 -10.31
CA THR C 239 -15.34 -15.13 -9.62
C THR C 239 -15.77 -16.15 -8.58
N LYS C 240 -16.06 -15.67 -7.38
CA LYS C 240 -16.58 -16.49 -6.29
C LYS C 240 -17.89 -15.90 -5.81
N LEU C 241 -18.96 -16.68 -5.90
CA LEU C 241 -20.26 -16.30 -5.35
C LEU C 241 -20.48 -17.03 -4.04
N THR C 242 -21.17 -16.36 -3.12
CA THR C 242 -21.49 -16.93 -1.82
C THR C 242 -22.94 -16.66 -1.49
N LEU C 243 -23.62 -17.68 -0.97
CA LEU C 243 -24.98 -17.54 -0.47
C LEU C 243 -25.00 -17.77 1.03
N TYR C 244 -25.78 -16.95 1.72
CA TYR C 244 -26.09 -17.15 3.13
C TYR C 244 -27.57 -17.48 3.19
N VAL C 245 -27.88 -18.75 3.44
CA VAL C 245 -29.22 -19.29 3.27
C VAL C 245 -29.70 -19.84 4.60
N GLN C 246 -30.94 -19.52 4.95
CA GLN C 246 -31.61 -20.13 6.08
C GLN C 246 -32.52 -21.24 5.57
N PHE C 247 -32.48 -22.39 6.23
CA PHE C 247 -33.34 -23.52 5.91
C PHE C 247 -34.27 -23.79 7.08
N ARG C 248 -35.48 -24.25 6.76
CA ARG C 248 -36.53 -24.45 7.74
C ARG C 248 -37.00 -25.89 7.71
N GLN C 249 -36.97 -26.55 8.86
CA GLN C 249 -37.55 -27.86 9.05
C GLN C 249 -36.73 -28.98 8.41
N PHE C 250 -35.88 -29.62 9.20
CA PHE C 250 -35.24 -30.85 8.77
C PHE C 250 -36.30 -31.85 8.32
N ALA C 251 -36.05 -32.53 7.21
CA ALA C 251 -37.07 -33.34 6.57
C ALA C 251 -36.48 -34.66 6.10
N PRO C 252 -37.29 -35.72 6.05
CA PRO C 252 -36.83 -36.99 5.48
C PRO C 252 -36.76 -36.94 3.97
N ASN C 253 -36.18 -37.99 3.40
CA ASN C 253 -36.26 -38.22 1.97
C ASN C 253 -37.73 -38.44 1.58
N ASN C 254 -38.02 -38.24 0.30
CA ASN C 254 -39.35 -38.56 -0.19
C ASN C 254 -39.60 -40.05 -0.01
N PRO C 255 -40.83 -40.46 0.31
CA PRO C 255 -41.10 -41.89 0.52
C PRO C 255 -40.69 -42.72 -0.69
N SER C 256 -40.33 -43.98 -0.42
CA SER C 256 -40.02 -44.91 -1.49
C SER C 256 -41.30 -45.26 -2.25
N THR C 257 -41.15 -45.50 -3.55
CA THR C 257 -42.28 -45.76 -4.42
C THR C 257 -42.22 -47.17 -4.98
N PHE D 52 -6.58 49.22 9.22
CA PHE D 52 -5.58 49.41 8.18
C PHE D 52 -4.44 50.28 8.67
N SER D 53 -3.68 49.75 9.62
CA SER D 53 -2.60 50.48 10.28
C SER D 53 -1.25 50.12 9.67
N THR D 54 -0.22 50.85 10.12
CA THR D 54 1.14 50.61 9.64
C THR D 54 1.55 49.16 9.84
N ASN D 55 1.02 48.50 10.86
CA ASN D 55 1.44 47.15 11.24
C ASN D 55 0.54 46.07 10.65
N ARG D 56 -0.28 46.41 9.67
CA ARG D 56 -1.18 45.43 9.08
C ARG D 56 -0.40 44.36 8.32
N ILE D 57 -0.80 43.10 8.52
CA ILE D 57 -0.04 41.95 8.04
C ILE D 57 -0.90 41.16 7.06
N TYR D 58 -0.27 40.68 5.99
CA TYR D 58 -0.90 39.81 5.00
C TYR D 58 -0.04 38.57 4.83
N THR D 59 -0.67 37.45 4.49
CA THR D 59 0.03 36.18 4.34
C THR D 59 -0.31 35.57 2.98
N LEU D 60 0.72 35.18 2.24
CA LEU D 60 0.56 34.58 0.92
C LEU D 60 1.33 33.27 0.86
N ARG D 61 0.88 32.40 -0.05
CA ARG D 61 1.59 31.18 -0.38
C ARG D 61 2.13 31.31 -1.79
N LEU D 62 3.42 31.05 -1.95
CA LEU D 62 4.10 31.17 -3.24
C LEU D 62 4.82 29.88 -3.55
N THR D 63 4.87 29.53 -4.84
CA THR D 63 5.46 28.26 -5.26
C THR D 63 6.20 28.43 -6.58
N ARG D 64 7.16 27.53 -6.81
CA ARG D 64 7.83 27.41 -8.09
C ARG D 64 8.32 25.98 -8.23
N GLN D 65 8.62 25.59 -9.46
CA GLN D 65 9.04 24.23 -9.75
C GLN D 65 10.23 24.25 -10.70
N PHE D 66 10.91 23.10 -10.78
CA PHE D 66 12.04 22.93 -11.68
C PHE D 66 12.40 21.46 -11.71
N GLN D 67 13.25 21.10 -12.65
CA GLN D 67 13.68 19.72 -12.84
C GLN D 67 14.99 19.47 -12.12
N PHE D 68 15.16 18.22 -11.66
CA PHE D 68 16.42 17.79 -11.06
C PHE D 68 16.70 16.38 -11.53
N LYS D 69 17.99 16.08 -11.73
CA LYS D 69 18.41 14.78 -12.25
C LYS D 69 19.51 14.22 -11.38
N ILE D 70 19.39 12.94 -11.04
CA ILE D 70 20.47 12.16 -10.44
C ILE D 70 21.02 11.25 -11.53
N ASN D 71 22.32 11.38 -11.81
CA ASN D 71 22.90 10.73 -12.98
C ASN D 71 23.26 9.28 -12.69
N LYS D 72 23.16 8.46 -13.74
CA LYS D 72 23.67 7.10 -13.70
C LYS D 72 25.11 7.08 -13.20
N GLN D 73 25.41 6.11 -12.35
CA GLN D 73 26.76 5.99 -11.81
C GLN D 73 27.72 5.53 -12.89
N THR D 74 28.71 6.37 -13.19
CA THR D 74 29.74 6.04 -14.15
C THR D 74 31.15 6.07 -13.56
N THR D 75 31.26 6.27 -12.25
CA THR D 75 32.54 6.29 -11.56
C THR D 75 32.54 5.24 -10.46
N SER D 76 33.72 4.73 -10.13
CA SER D 76 33.89 3.72 -9.09
C SER D 76 32.81 2.65 -9.21
N VAL D 77 32.61 2.18 -10.44
CA VAL D 77 31.49 1.29 -10.73
C VAL D 77 31.60 0.04 -9.87
N GLY D 78 30.45 -0.48 -9.45
CA GLY D 78 30.38 -1.61 -8.56
C GLY D 78 30.43 -1.27 -7.09
N ASN D 79 30.73 -0.02 -6.74
CA ASN D 79 30.87 0.41 -5.36
C ASN D 79 29.76 1.39 -4.98
N LEU D 80 29.50 1.46 -3.68
CA LEU D 80 28.53 2.41 -3.14
C LEU D 80 29.20 3.77 -2.98
N ILE D 81 28.64 4.79 -3.63
CA ILE D 81 29.09 6.16 -3.47
C ILE D 81 27.87 7.05 -3.27
N PHE D 82 28.11 8.22 -2.68
CA PHE D 82 27.06 9.17 -2.40
C PHE D 82 27.44 10.54 -2.96
N ASN D 83 26.42 11.30 -3.34
CA ASN D 83 26.58 12.71 -3.66
C ASN D 83 25.43 13.47 -3.02
N ALA D 84 25.48 14.80 -3.12
CA ALA D 84 24.48 15.63 -2.47
C ALA D 84 24.34 16.95 -3.20
N ASP D 85 23.20 17.60 -3.00
CA ASP D 85 22.93 18.93 -3.51
C ASP D 85 22.10 19.66 -2.47
N TYR D 86 21.72 20.90 -2.76
CA TYR D 86 21.03 21.71 -1.77
C TYR D 86 20.15 22.75 -2.47
N ILE D 87 19.26 23.35 -1.67
CA ILE D 87 18.35 24.39 -2.12
C ILE D 87 18.35 25.51 -1.09
N THR D 88 18.23 26.74 -1.56
CA THR D 88 18.01 27.89 -0.71
C THR D 88 16.76 28.61 -1.18
N PHE D 89 16.31 29.58 -0.37
CA PHE D 89 15.03 30.23 -0.60
C PHE D 89 15.20 31.74 -0.57
N ALA D 90 14.69 32.40 -1.62
CA ALA D 90 14.66 33.85 -1.70
C ALA D 90 13.37 34.27 -2.36
N LEU D 91 12.73 35.30 -1.80
CA LEU D 91 11.44 35.75 -2.30
C LEU D 91 11.52 36.09 -3.79
N ASP D 92 12.64 36.65 -4.23
CA ASP D 92 12.78 37.04 -5.63
C ASP D 92 12.75 35.82 -6.55
N ASP D 93 13.28 34.68 -6.09
CA ASP D 93 13.22 33.47 -6.89
C ASP D 93 11.80 33.13 -7.29
N PHE D 94 10.84 33.39 -6.40
CA PHE D 94 9.45 33.02 -6.63
C PHE D 94 8.68 34.10 -7.38
N LEU D 95 8.91 35.37 -7.07
CA LEU D 95 8.23 36.44 -7.78
C LEU D 95 8.64 36.49 -9.25
N GLN D 96 9.86 36.07 -9.57
CA GLN D 96 10.31 36.08 -10.96
C GLN D 96 9.78 34.89 -11.75
N ALA D 97 9.21 33.88 -11.08
CA ALA D 97 8.61 32.77 -11.80
C ALA D 97 7.47 33.27 -12.68
N VAL D 98 7.33 32.65 -13.86
CA VAL D 98 6.41 33.17 -14.88
C VAL D 98 5.01 33.42 -14.32
N PRO D 99 4.35 32.46 -13.67
CA PRO D 99 2.94 32.65 -13.32
C PRO D 99 2.69 33.46 -12.06
N ASN D 100 3.72 33.92 -11.37
CA ASN D 100 3.55 34.63 -10.12
C ASN D 100 3.57 36.14 -10.35
N PRO D 101 3.02 36.92 -9.41
CA PRO D 101 3.17 38.38 -9.50
C PRO D 101 4.63 38.77 -9.35
N HIS D 102 5.13 39.57 -10.29
CA HIS D 102 6.56 39.88 -10.33
C HIS D 102 6.94 41.02 -9.40
N THR D 103 5.97 41.81 -8.95
CA THR D 103 6.20 42.81 -7.92
C THR D 103 5.03 42.77 -6.93
N LEU D 104 5.33 43.05 -5.67
CA LEU D 104 4.32 43.08 -4.62
C LEU D 104 4.31 44.45 -3.97
N ASN D 105 3.11 44.93 -3.68
CA ASN D 105 2.92 46.27 -3.11
C ASN D 105 2.82 46.18 -1.58
N PHE D 106 3.88 45.68 -0.98
CA PHE D 106 4.03 45.66 0.48
C PHE D 106 5.40 46.25 0.84
N GLU D 107 5.50 46.72 2.07
CA GLU D 107 6.73 47.37 2.51
C GLU D 107 7.73 46.36 3.07
N ASP D 108 7.27 45.39 3.86
CA ASP D 108 8.16 44.42 4.49
C ASP D 108 7.62 43.02 4.31
N TYR D 109 8.49 42.03 4.55
CA TYR D 109 8.12 40.64 4.46
C TYR D 109 8.98 39.82 5.41
N ARG D 110 8.53 38.60 5.68
CA ARG D 110 9.32 37.64 6.43
C ARG D 110 8.82 36.24 6.10
N ILE D 111 9.75 35.32 5.92
CA ILE D 111 9.41 33.96 5.52
C ILE D 111 9.18 33.14 6.79
N LYS D 112 7.93 32.74 7.01
CA LYS D 112 7.58 31.95 8.18
C LYS D 112 7.96 30.49 8.00
N LEU D 113 7.88 29.98 6.78
CA LEU D 113 8.00 28.55 6.54
C LEU D 113 8.35 28.34 5.08
N ALA D 114 9.07 27.26 4.82
CA ALA D 114 9.41 26.87 3.46
C ALA D 114 9.18 25.37 3.31
N LYS D 115 8.87 24.95 2.08
CA LYS D 115 8.63 23.55 1.80
C LYS D 115 9.37 23.14 0.53
N MET D 116 9.92 21.93 0.55
CA MET D 116 10.54 21.34 -0.62
C MET D 116 9.93 19.96 -0.83
N GLU D 117 9.57 19.65 -2.07
CA GLU D 117 9.00 18.36 -2.42
C GLU D 117 9.55 17.95 -3.78
N MET D 118 10.23 16.81 -3.81
CA MET D 118 10.86 16.29 -5.01
C MET D 118 10.32 14.89 -5.26
N ARG D 119 9.68 14.70 -6.41
CA ARG D 119 9.09 13.41 -6.75
C ARG D 119 9.59 12.95 -8.12
N PRO D 120 9.84 11.66 -8.29
CA PRO D 120 10.42 11.18 -9.55
C PRO D 120 9.44 11.33 -10.71
N THR D 121 10.02 11.38 -11.91
CA THR D 121 9.24 11.44 -13.13
C THR D 121 10.00 10.65 -14.20
N GLY D 122 9.64 10.87 -15.46
CA GLY D 122 10.32 10.20 -16.55
C GLY D 122 10.04 8.72 -16.65
N GLY D 123 8.97 8.24 -16.04
CA GLY D 123 8.62 6.83 -16.11
C GLY D 123 9.39 5.95 -15.14
N HIS D 124 10.10 6.54 -14.18
CA HIS D 124 10.80 5.73 -13.18
C HIS D 124 9.78 5.02 -12.29
N TYR D 125 10.12 3.80 -11.90
CA TYR D 125 9.23 2.97 -11.09
C TYR D 125 9.47 3.24 -9.60
N THR D 126 8.38 3.51 -8.88
CA THR D 126 8.49 3.70 -7.43
C THR D 126 8.89 2.41 -6.74
N VAL D 127 8.44 1.25 -7.26
CA VAL D 127 8.78 -0.03 -6.65
C VAL D 127 10.16 -0.52 -7.02
N GLN D 128 10.92 0.25 -7.80
CA GLN D 128 12.28 -0.10 -8.18
C GLN D 128 13.23 0.50 -7.14
N SER D 129 13.82 -0.36 -6.31
CA SER D 129 14.63 0.12 -5.20
C SER D 129 15.97 0.66 -5.69
N ASP D 130 16.32 1.85 -5.21
CA ASP D 130 17.62 2.47 -5.47
C ASP D 130 18.20 3.04 -4.18
N GLY D 131 17.98 2.36 -3.07
CA GLY D 131 18.56 2.77 -1.81
C GLY D 131 17.89 4.00 -1.22
N PHE D 132 18.56 4.59 -0.24
CA PHE D 132 18.05 5.76 0.45
C PHE D 132 19.18 6.71 0.76
N GLY D 133 18.88 8.01 0.69
CA GLY D 133 19.80 9.04 1.14
C GLY D 133 19.21 9.76 2.34
N HIS D 134 19.56 11.04 2.51
CA HIS D 134 19.04 11.80 3.63
C HIS D 134 18.82 13.24 3.22
N THR D 135 17.90 13.90 3.93
CA THR D 135 17.75 15.34 3.88
C THR D 135 18.23 15.94 5.18
N ALA D 136 18.64 17.19 5.14
CA ALA D 136 19.14 17.87 6.34
C ALA D 136 18.86 19.36 6.21
N VAL D 137 18.43 19.95 7.32
CA VAL D 137 18.19 21.39 7.39
C VAL D 137 19.51 22.05 7.78
N ILE D 138 20.09 22.82 6.86
CA ILE D 138 21.34 23.54 7.09
C ILE D 138 21.03 25.00 6.87
N GLN D 139 20.90 25.76 7.97
CA GLN D 139 20.40 27.13 7.95
C GLN D 139 21.53 28.16 7.94
N ASP D 140 22.58 27.91 7.18
CA ASP D 140 23.66 28.87 7.01
C ASP D 140 24.41 28.55 5.72
N SER D 141 25.34 29.43 5.36
CA SER D 141 26.00 29.33 4.07
C SER D 141 26.96 28.15 3.98
N ARG D 142 27.22 27.45 5.08
CA ARG D 142 28.01 26.22 5.00
C ARG D 142 27.36 25.20 4.07
N ILE D 143 26.06 25.36 3.77
CA ILE D 143 25.35 24.40 2.93
C ILE D 143 25.99 24.30 1.56
N THR D 144 26.68 25.36 1.11
CA THR D 144 27.24 25.35 -0.23
C THR D 144 28.28 24.27 -0.41
N ARG D 145 28.95 23.86 0.68
CA ARG D 145 29.92 22.78 0.60
C ARG D 145 29.28 21.43 0.37
N PHE D 146 27.96 21.32 0.49
CA PHE D 146 27.28 20.04 0.38
C PHE D 146 26.65 19.82 -0.98
N LYS D 147 26.97 20.67 -1.96
CA LYS D 147 26.86 20.29 -3.37
C LYS D 147 28.19 19.63 -3.70
N THR D 148 28.24 18.30 -3.61
CA THR D 148 29.49 17.58 -3.70
C THR D 148 30.10 17.74 -5.09
N THR D 149 31.42 17.97 -5.11
CA THR D 149 32.19 18.01 -6.34
C THR D 149 33.03 16.75 -6.54
N ALA D 150 32.99 15.82 -5.59
CA ALA D 150 33.65 14.54 -5.72
C ALA D 150 32.79 13.48 -5.05
N ASP D 151 32.91 12.25 -5.53
CA ASP D 151 32.13 11.15 -4.96
C ASP D 151 32.47 10.95 -3.49
N GLN D 152 31.43 10.70 -2.69
CA GLN D 152 31.59 10.45 -1.26
C GLN D 152 31.45 8.95 -1.00
N THR D 153 32.30 8.42 -0.14
CA THR D 153 32.22 7.02 0.25
C THR D 153 31.24 6.78 1.39
N GLN D 154 30.72 7.85 2.00
CA GLN D 154 29.68 7.76 3.00
C GLN D 154 28.60 8.79 2.70
N ASP D 155 27.43 8.61 3.29
CA ASP D 155 26.36 9.58 3.13
C ASP D 155 26.78 10.90 3.79
N PRO D 156 26.97 11.98 3.03
CA PRO D 156 27.55 13.20 3.63
C PRO D 156 26.61 13.94 4.56
N LEU D 157 25.31 13.62 4.57
CA LEU D 157 24.34 14.32 5.41
C LEU D 157 23.81 13.47 6.56
N ALA D 158 23.90 12.15 6.47
CA ALA D 158 23.34 11.28 7.50
C ALA D 158 23.78 11.65 8.92
N PRO D 159 25.00 12.12 9.17
CA PRO D 159 25.39 12.45 10.55
C PRO D 159 24.68 13.66 11.13
N PHE D 160 24.09 14.51 10.30
CA PHE D 160 23.44 15.72 10.81
C PHE D 160 22.33 15.39 11.80
N ASP D 161 22.32 16.09 12.93
CA ASP D 161 21.12 16.11 13.76
C ASP D 161 19.95 16.59 12.93
N GLY D 162 18.83 15.87 13.01
CA GLY D 162 17.68 16.18 12.19
C GLY D 162 17.71 15.57 10.81
N ALA D 163 18.77 14.84 10.46
CA ALA D 163 18.83 14.17 9.17
C ALA D 163 17.70 13.15 9.06
N LYS D 164 16.99 13.16 7.94
CA LYS D 164 15.85 12.29 7.72
C LYS D 164 16.07 11.45 6.47
N LYS D 165 15.90 10.14 6.62
CA LYS D 165 16.06 9.22 5.51
C LYS D 165 14.98 9.45 4.46
N TRP D 166 15.35 9.28 3.18
CA TRP D 166 14.39 9.32 2.09
C TRP D 166 14.84 8.33 1.02
N PHE D 167 13.87 7.69 0.38
CA PHE D 167 14.14 6.65 -0.61
C PHE D 167 14.23 7.27 -2.00
N VAL D 168 15.31 6.92 -2.71
CA VAL D 168 15.62 7.54 -4.00
C VAL D 168 14.44 7.43 -4.95
N SER D 169 13.78 6.27 -4.98
CA SER D 169 12.76 6.01 -5.98
C SER D 169 11.42 6.62 -5.65
N ARG D 170 11.27 7.27 -4.50
CA ARG D 170 10.02 7.87 -4.10
C ARG D 170 10.10 9.36 -3.83
N GLY D 171 11.29 9.92 -3.69
CA GLY D 171 11.42 11.32 -3.39
C GLY D 171 11.13 11.60 -1.93
N PHE D 172 10.97 12.88 -1.63
CA PHE D 172 10.77 13.31 -0.25
C PHE D 172 9.95 14.58 -0.20
N LYS D 173 9.49 14.91 1.00
CA LYS D 173 8.78 16.14 1.29
C LYS D 173 9.20 16.59 2.68
N ARG D 174 9.65 17.83 2.80
CA ARG D 174 10.10 18.33 4.10
C ARG D 174 9.80 19.81 4.23
N LEU D 175 9.36 20.20 5.42
CA LEU D 175 9.15 21.59 5.77
C LEU D 175 10.26 22.06 6.69
N LEU D 176 10.57 23.35 6.61
CA LEU D 176 11.62 23.92 7.43
C LEU D 176 11.34 25.40 7.64
N ARG D 177 12.06 25.99 8.58
CA ARG D 177 12.04 27.43 8.81
C ARG D 177 13.36 28.00 8.33
N PRO D 178 13.42 28.54 7.10
CA PRO D 178 14.70 29.01 6.57
C PRO D 178 15.08 30.37 7.15
N LYS D 179 16.39 30.60 7.23
CA LYS D 179 16.93 31.71 8.01
C LYS D 179 17.70 32.67 7.13
N PRO D 180 17.48 33.98 7.27
CA PRO D 180 18.38 34.95 6.64
C PRO D 180 19.59 35.22 7.53
N GLN D 181 20.68 35.63 6.89
CA GLN D 181 21.98 35.74 7.54
C GLN D 181 22.30 37.19 7.84
N ILE D 182 22.25 37.56 9.13
CA ILE D 182 22.66 38.89 9.57
C ILE D 182 24.17 38.95 9.62
N THR D 183 24.72 40.12 9.31
CA THR D 183 26.15 40.30 9.14
C THR D 183 26.83 40.69 10.44
N ILE D 184 27.98 40.08 10.71
CA ILE D 184 28.90 40.48 11.76
C ILE D 184 30.25 40.72 11.12
N GLU D 185 30.81 41.91 11.34
CA GLU D 185 32.11 42.26 10.78
C GLU D 185 33.22 42.32 11.81
N ASP D 186 32.91 42.16 13.10
CA ASP D 186 33.89 42.33 14.16
C ASP D 186 34.40 40.95 14.56
N LEU D 187 35.41 40.47 13.84
CA LEU D 187 36.04 39.18 14.10
C LEU D 187 37.47 39.40 14.58
N THR D 188 38.06 38.33 15.13
CA THR D 188 39.43 38.38 15.59
C THR D 188 40.42 38.48 14.45
N THR D 189 40.00 38.13 13.23
CA THR D 189 40.82 38.30 12.03
C THR D 189 40.30 39.50 11.26
N ALA D 190 41.21 40.39 10.86
CA ALA D 190 40.82 41.60 10.15
C ALA D 190 40.30 41.25 8.76
N ASN D 191 39.37 42.08 8.27
CA ASN D 191 38.86 41.99 6.91
C ASN D 191 38.07 40.70 6.67
N GLN D 192 37.48 40.14 7.73
CA GLN D 192 36.60 38.99 7.60
C GLN D 192 35.29 39.29 8.29
N SER D 193 34.23 38.58 7.86
CA SER D 193 32.91 38.73 8.43
C SER D 193 32.29 37.36 8.63
N ALA D 194 31.24 37.31 9.45
CA ALA D 194 30.54 36.08 9.75
C ALA D 194 29.03 36.37 9.73
N ALA D 195 28.25 35.41 10.20
CA ALA D 195 26.80 35.47 10.09
C ALA D 195 26.14 35.18 11.43
N LEU D 196 24.92 35.66 11.56
CA LEU D 196 24.05 35.36 12.69
C LEU D 196 22.62 35.32 12.18
N TRP D 197 21.82 34.39 12.69
CA TRP D 197 20.41 34.34 12.34
C TRP D 197 19.58 34.20 13.61
N LEU D 198 18.32 34.63 13.49
CA LEU D 198 17.43 34.77 14.63
C LEU D 198 16.55 33.53 14.79
N ASN D 199 16.29 33.17 16.06
CA ASN D 199 15.54 31.94 16.33
C ASN D 199 14.12 32.01 15.83
N SER D 200 13.48 33.18 15.91
CA SER D 200 12.08 33.34 15.56
C SER D 200 11.92 34.30 14.39
N ALA D 201 11.03 33.95 13.47
CA ALA D 201 10.72 34.84 12.35
C ALA D 201 10.00 36.10 12.82
N ARG D 202 9.23 36.00 13.91
CA ARG D 202 8.48 37.14 14.41
C ARG D 202 9.37 38.21 15.02
N THR D 203 10.69 38.00 15.07
CA THR D 203 11.57 38.97 15.71
C THR D 203 11.88 40.16 14.82
N GLY D 204 11.90 39.97 13.49
CA GLY D 204 12.32 41.03 12.59
C GLY D 204 11.54 41.01 11.29
N TRP D 205 11.75 42.07 10.52
CA TRP D 205 11.13 42.24 9.20
C TRP D 205 12.21 42.63 8.19
N ILE D 206 12.00 42.19 6.95
CA ILE D 206 12.91 42.53 5.85
C ILE D 206 12.16 43.49 4.91
N PRO D 207 12.59 44.74 4.78
CA PRO D 207 11.95 45.63 3.80
C PRO D 207 12.24 45.16 2.38
N LEU D 208 11.19 45.12 1.54
CA LEU D 208 11.36 44.67 0.17
C LEU D 208 12.34 45.56 -0.59
N GLN D 209 12.32 46.87 -0.33
CA GLN D 209 13.16 47.82 -1.04
C GLN D 209 14.15 48.52 -0.10
N GLY D 210 14.40 47.95 1.07
CA GLY D 210 15.37 48.52 1.97
C GLY D 210 16.79 48.22 1.55
N GLY D 211 17.71 49.08 2.00
CA GLY D 211 19.11 48.92 1.71
C GLY D 211 19.56 49.75 0.53
N PRO D 212 20.88 49.79 0.29
CA PRO D 212 21.40 50.63 -0.79
C PRO D 212 21.11 50.09 -2.18
N ASN D 213 20.64 48.85 -2.33
CA ASN D 213 20.37 48.26 -3.61
C ASN D 213 18.89 48.01 -3.85
N SER D 214 18.03 48.29 -2.88
CA SER D 214 16.60 48.03 -3.00
C SER D 214 16.34 46.58 -3.37
N ALA D 215 17.12 45.67 -2.77
CA ALA D 215 17.12 44.26 -3.13
C ALA D 215 16.74 43.39 -1.94
N GLY D 216 15.81 43.86 -1.11
CA GLY D 216 15.40 43.10 0.05
C GLY D 216 14.80 41.75 -0.29
N THR D 217 14.17 41.64 -1.46
CA THR D 217 13.57 40.38 -1.88
C THR D 217 14.61 39.35 -2.30
N LYS D 218 15.87 39.73 -2.42
CA LYS D 218 16.93 38.82 -2.81
C LYS D 218 17.69 38.25 -1.61
N VAL D 219 17.24 38.53 -0.39
CA VAL D 219 17.87 37.95 0.79
C VAL D 219 17.79 36.44 0.69
N ARG D 220 18.93 35.77 0.84
CA ARG D 220 19.02 34.33 0.70
C ARG D 220 18.71 33.67 2.04
N HIS D 221 17.69 32.83 2.07
CA HIS D 221 17.28 32.12 3.28
C HIS D 221 17.74 30.67 3.19
N TYR D 222 18.43 30.19 4.23
CA TYR D 222 18.92 28.82 4.28
C TYR D 222 18.05 27.97 5.22
N GLY D 223 17.79 26.71 4.89
CA GLY D 223 18.31 26.02 3.72
C GLY D 223 18.15 24.52 3.92
N ILE D 224 18.03 23.75 2.84
CA ILE D 224 17.84 22.31 2.91
C ILE D 224 18.77 21.63 1.92
N ALA D 225 19.43 20.57 2.37
CA ALA D 225 20.30 19.76 1.54
C ALA D 225 19.79 18.33 1.51
N PHE D 226 20.09 17.61 0.43
CA PHE D 226 19.67 16.24 0.26
C PHE D 226 20.76 15.43 -0.40
N SER D 227 20.99 14.22 0.10
CA SER D 227 22.00 13.32 -0.40
C SER D 227 21.35 12.09 -1.01
N PHE D 228 22.15 11.31 -1.75
CA PHE D 228 21.63 10.14 -2.42
C PHE D 228 22.75 9.18 -2.75
N PRO D 229 22.53 7.86 -2.64
CA PRO D 229 23.47 6.91 -3.24
C PRO D 229 23.30 6.89 -4.75
N GLN D 230 24.41 6.91 -5.45
CA GLN D 230 24.37 6.99 -6.90
C GLN D 230 23.65 5.78 -7.49
N PRO D 231 22.60 5.96 -8.29
CA PRO D 231 21.86 4.81 -8.82
C PRO D 231 22.52 4.23 -10.07
N GLU D 232 22.02 3.06 -10.48
CA GLU D 232 22.49 2.41 -11.69
C GLU D 232 21.94 3.05 -12.96
N GLN D 233 20.88 3.83 -12.85
CA GLN D 233 20.29 4.50 -14.01
C GLN D 233 19.89 5.91 -13.61
N THR D 234 19.86 6.80 -14.60
CA THR D 234 19.51 8.19 -14.35
C THR D 234 18.05 8.31 -13.93
N ILE D 235 17.80 9.18 -12.95
CA ILE D 235 16.46 9.43 -12.44
C ILE D 235 16.20 10.93 -12.52
N THR D 236 15.09 11.30 -13.15
CA THR D 236 14.66 12.68 -13.22
C THR D 236 13.53 12.93 -12.23
N TYR D 237 13.49 14.14 -11.68
CA TYR D 237 12.53 14.50 -10.65
C TYR D 237 11.84 15.82 -11.00
N VAL D 238 10.63 15.98 -10.49
CA VAL D 238 9.95 17.27 -10.45
C VAL D 238 10.05 17.78 -9.02
N THR D 239 10.59 18.99 -8.86
CA THR D 239 10.73 19.61 -7.55
C THR D 239 9.78 20.79 -7.46
N LYS D 240 9.05 20.88 -6.35
CA LYS D 240 8.18 22.00 -6.06
C LYS D 240 8.60 22.63 -4.74
N LEU D 241 8.88 23.92 -4.77
CA LEU D 241 9.18 24.69 -3.57
C LEU D 241 7.99 25.57 -3.24
N THR D 242 7.72 25.73 -1.94
CA THR D 242 6.62 26.55 -1.47
C THR D 242 7.11 27.45 -0.35
N LEU D 243 6.77 28.73 -0.42
CA LEU D 243 7.05 29.69 0.64
C LEU D 243 5.74 30.12 1.30
N TYR D 244 5.78 30.25 2.61
CA TYR D 244 4.68 30.82 3.39
C TYR D 244 5.21 32.13 3.97
N VAL D 245 4.77 33.23 3.38
CA VAL D 245 5.40 34.54 3.59
C VAL D 245 4.37 35.49 4.17
N GLN D 246 4.75 36.19 5.23
CA GLN D 246 3.95 37.28 5.78
C GLN D 246 4.48 38.60 5.25
N PHE D 247 3.56 39.47 4.85
CA PHE D 247 3.88 40.79 4.33
C PHE D 247 3.26 41.85 5.23
N ARG D 248 3.98 42.95 5.42
CA ARG D 248 3.57 44.01 6.33
C ARG D 248 3.40 45.30 5.56
N GLN D 249 2.25 45.95 5.76
CA GLN D 249 1.99 47.29 5.24
C GLN D 249 1.82 47.33 3.73
N PHE D 250 0.57 47.31 3.27
CA PHE D 250 0.29 47.60 1.88
C PHE D 250 0.85 48.97 1.52
N ALA D 251 1.45 49.08 0.34
CA ALA D 251 2.22 50.27 -0.01
C ALA D 251 1.95 50.67 -1.46
N PRO D 252 2.09 51.95 -1.78
CA PRO D 252 1.96 52.40 -3.17
C PRO D 252 3.21 52.08 -3.97
N ASN D 253 3.10 52.32 -5.28
CA ASN D 253 4.27 52.31 -6.13
C ASN D 253 5.19 53.48 -5.76
N ASN D 254 6.45 53.38 -6.16
CA ASN D 254 7.35 54.49 -5.96
C ASN D 254 6.83 55.71 -6.72
N PRO D 255 7.06 56.92 -6.21
CA PRO D 255 6.58 58.11 -6.92
C PRO D 255 7.15 58.19 -8.33
N SER D 256 6.37 58.80 -9.21
CA SER D 256 6.84 59.03 -10.57
C SER D 256 7.95 60.08 -10.58
N THR D 257 8.81 59.99 -11.60
CA THR D 257 9.95 60.88 -11.71
C THR D 257 9.94 61.62 -13.05
N PHE E 52 -47.30 18.14 -1.41
CA PHE E 52 -46.95 18.38 -2.81
C PHE E 52 -47.22 19.82 -3.20
N SER E 53 -46.36 20.72 -2.72
CA SER E 53 -46.53 22.15 -2.91
C SER E 53 -45.63 22.67 -4.01
N THR E 54 -45.82 23.95 -4.35
CA THR E 54 -45.02 24.58 -5.39
C THR E 54 -43.52 24.45 -5.12
N ASN E 55 -43.12 24.47 -3.85
CA ASN E 55 -41.72 24.48 -3.47
C ASN E 55 -41.17 23.07 -3.20
N ARG E 56 -41.88 22.03 -3.58
CA ARG E 56 -41.38 20.67 -3.37
C ARG E 56 -40.06 20.48 -4.11
N ILE E 57 -39.10 19.86 -3.43
CA ILE E 57 -37.74 19.71 -3.94
C ILE E 57 -37.42 18.23 -4.11
N TYR E 58 -36.73 17.92 -5.20
CA TYR E 58 -36.23 16.58 -5.47
C TYR E 58 -34.73 16.68 -5.71
N THR E 59 -34.00 15.62 -5.39
CA THR E 59 -32.54 15.60 -5.53
C THR E 59 -32.14 14.35 -6.31
N LEU E 60 -31.33 14.55 -7.35
CA LEU E 60 -30.85 13.47 -8.20
C LEU E 60 -29.35 13.53 -8.36
N ARG E 61 -28.76 12.37 -8.64
CA ARG E 61 -27.35 12.26 -8.98
C ARG E 61 -27.24 11.89 -10.45
N LEU E 62 -26.45 12.66 -11.20
CA LEU E 62 -26.28 12.46 -12.63
C LEU E 62 -24.80 12.35 -12.95
N THR E 63 -24.46 11.52 -13.94
CA THR E 63 -23.06 11.25 -14.25
C THR E 63 -22.88 11.05 -15.75
N ARG E 64 -21.66 11.34 -16.21
CA ARG E 64 -21.25 11.07 -17.57
C ARG E 64 -19.75 10.86 -17.60
N GLN E 65 -19.27 10.18 -18.64
CA GLN E 65 -17.86 9.84 -18.76
C GLN E 65 -17.34 10.19 -20.14
N PHE E 66 -16.01 10.27 -20.23
CA PHE E 66 -15.35 10.54 -21.50
C PHE E 66 -13.86 10.26 -21.32
N GLN E 67 -13.15 10.24 -22.44
CA GLN E 67 -11.72 9.94 -22.46
C GLN E 67 -10.90 11.22 -22.50
N PHE E 68 -9.72 11.16 -21.90
CA PHE E 68 -8.77 12.27 -21.93
C PHE E 68 -7.37 11.71 -22.14
N LYS E 69 -6.58 12.42 -22.95
CA LYS E 69 -5.21 12.03 -23.27
C LYS E 69 -4.25 13.14 -22.88
N ILE E 70 -3.15 12.75 -22.23
CA ILE E 70 -1.98 13.60 -22.08
C ILE E 70 -0.92 13.07 -23.03
N ASN E 71 -0.54 13.89 -24.01
CA ASN E 71 0.29 13.43 -25.11
C ASN E 71 1.76 13.34 -24.71
N LYS E 72 2.46 12.38 -25.31
CA LYS E 72 3.90 12.29 -25.19
C LYS E 72 4.55 13.63 -25.50
N GLN E 73 5.56 14.00 -24.72
CA GLN E 73 6.25 15.26 -24.92
C GLN E 73 7.09 15.18 -26.18
N THR E 74 6.80 16.05 -27.15
CA THR E 74 7.56 16.15 -28.38
C THR E 74 8.19 17.51 -28.58
N THR E 75 7.95 18.46 -27.68
CA THR E 75 8.53 19.79 -27.74
C THR E 75 9.48 20.00 -26.58
N SER E 76 10.48 20.86 -26.80
CA SER E 76 11.45 21.22 -25.77
C SER E 76 11.94 19.99 -25.02
N VAL E 77 12.23 18.93 -25.80
CA VAL E 77 12.55 17.64 -25.20
C VAL E 77 13.74 17.77 -24.25
N GLY E 78 13.70 16.98 -23.17
CA GLY E 78 14.71 17.04 -22.14
C GLY E 78 14.43 18.04 -21.04
N ASN E 79 13.45 18.92 -21.22
CA ASN E 79 13.12 19.95 -20.26
C ASN E 79 11.77 19.68 -19.61
N LEU E 80 11.55 20.31 -18.46
CA LEU E 80 10.28 20.22 -17.76
C LEU E 80 9.34 21.29 -18.29
N ILE E 81 8.19 20.86 -18.81
CA ILE E 81 7.15 21.75 -19.28
C ILE E 81 5.81 21.30 -18.71
N PHE E 82 4.86 22.23 -18.66
CA PHE E 82 3.54 21.96 -18.12
C PHE E 82 2.48 22.41 -19.12
N ASN E 83 1.34 21.71 -19.10
CA ASN E 83 0.15 22.13 -19.82
C ASN E 83 -1.05 21.88 -18.91
N ALA E 84 -2.21 22.37 -19.34
CA ALA E 84 -3.40 22.31 -18.51
C ALA E 84 -4.65 22.27 -19.37
N ASP E 85 -5.74 21.82 -18.76
CA ASP E 85 -7.05 21.80 -19.40
C ASP E 85 -8.09 22.02 -18.29
N TYR E 86 -9.36 22.08 -18.67
CA TYR E 86 -10.40 22.40 -17.71
C TYR E 86 -11.70 21.73 -18.10
N ILE E 87 -12.62 21.68 -17.13
CA ILE E 87 -13.96 21.13 -17.31
C ILE E 87 -14.96 22.11 -16.72
N THR E 88 -16.09 22.27 -17.40
CA THR E 88 -17.24 22.99 -16.87
C THR E 88 -18.44 22.06 -16.84
N PHE E 89 -19.50 22.50 -16.17
CA PHE E 89 -20.64 21.65 -15.89
C PHE E 89 -21.93 22.33 -16.34
N ALA E 90 -22.72 21.62 -17.13
CA ALA E 90 -24.04 22.09 -17.54
C ALA E 90 -25.00 20.91 -17.50
N LEU E 91 -26.16 21.11 -16.88
CA LEU E 91 -27.14 20.04 -16.76
C LEU E 91 -27.41 19.37 -18.10
N ASP E 92 -27.47 20.16 -19.17
CA ASP E 92 -27.74 19.59 -20.49
C ASP E 92 -26.66 18.62 -20.91
N ASP E 93 -25.40 18.86 -20.52
CA ASP E 93 -24.34 17.93 -20.86
C ASP E 93 -24.65 16.53 -20.36
N PHE E 94 -25.26 16.43 -19.18
CA PHE E 94 -25.55 15.14 -18.57
C PHE E 94 -26.86 14.54 -19.06
N LEU E 95 -27.87 15.37 -19.35
CA LEU E 95 -29.13 14.84 -19.86
C LEU E 95 -28.98 14.33 -21.29
N GLN E 96 -28.06 14.91 -22.06
CA GLN E 96 -27.83 14.41 -23.42
C GLN E 96 -27.13 13.07 -23.44
N ALA E 97 -26.43 12.71 -22.36
CA ALA E 97 -25.73 11.43 -22.32
C ALA E 97 -26.70 10.28 -22.59
N VAL E 98 -26.20 9.27 -23.29
CA VAL E 98 -27.06 8.19 -23.78
C VAL E 98 -27.90 7.56 -22.66
N PRO E 99 -27.31 7.11 -21.55
CA PRO E 99 -28.09 6.35 -20.56
C PRO E 99 -28.93 7.18 -19.62
N ASN E 100 -28.91 8.50 -19.72
CA ASN E 100 -29.64 9.35 -18.80
C ASN E 100 -30.98 9.76 -19.39
N PRO E 101 -31.92 10.19 -18.55
CA PRO E 101 -33.16 10.78 -19.08
C PRO E 101 -32.87 12.11 -19.76
N HIS E 102 -33.32 12.24 -21.01
CA HIS E 102 -32.98 13.39 -21.83
C HIS E 102 -33.87 14.59 -21.56
N THR E 103 -34.99 14.41 -20.88
CA THR E 103 -35.81 15.51 -20.40
C THR E 103 -36.29 15.18 -19.00
N LEU E 104 -36.40 16.21 -18.17
CA LEU E 104 -36.89 16.08 -16.80
C LEU E 104 -38.13 16.92 -16.61
N ASN E 105 -39.11 16.37 -15.92
CA ASN E 105 -40.38 17.06 -15.69
C ASN E 105 -40.34 17.83 -14.37
N PHE E 106 -39.43 18.78 -14.31
CA PHE E 106 -39.33 19.71 -13.18
C PHE E 106 -39.26 21.14 -13.73
N GLU E 107 -39.65 22.08 -12.89
CA GLU E 107 -39.71 23.47 -13.31
C GLU E 107 -38.39 24.22 -13.10
N ASP E 108 -37.70 23.97 -11.99
CA ASP E 108 -36.45 24.65 -11.69
C ASP E 108 -35.42 23.63 -11.22
N TYR E 109 -34.16 24.06 -11.22
CA TYR E 109 -33.07 23.22 -10.74
C TYR E 109 -31.97 24.12 -10.18
N ARG E 110 -31.05 23.50 -9.46
CA ARG E 110 -29.83 24.16 -9.02
C ARG E 110 -28.80 23.10 -8.68
N ILE E 111 -27.57 23.34 -9.12
CA ILE E 111 -26.47 22.40 -8.92
C ILE E 111 -25.83 22.73 -7.58
N LYS E 112 -25.97 21.81 -6.61
CA LYS E 112 -25.38 22.02 -5.30
C LYS E 112 -23.93 21.54 -5.25
N LEU E 113 -23.56 20.56 -6.06
CA LEU E 113 -22.24 19.97 -5.94
C LEU E 113 -21.88 19.31 -7.26
N ALA E 114 -20.58 19.33 -7.57
CA ALA E 114 -20.06 18.66 -8.74
C ALA E 114 -18.78 17.92 -8.35
N LYS E 115 -18.46 16.89 -9.12
CA LYS E 115 -17.33 16.02 -8.82
C LYS E 115 -16.62 15.65 -10.11
N MET E 116 -15.30 15.61 -10.07
CA MET E 116 -14.49 15.18 -11.20
C MET E 116 -13.53 14.10 -10.73
N GLU E 117 -13.54 12.96 -11.43
CA GLU E 117 -12.61 11.88 -11.16
C GLU E 117 -12.01 11.42 -12.48
N MET E 118 -10.68 11.50 -12.58
CA MET E 118 -9.95 11.09 -13.77
C MET E 118 -8.92 10.06 -13.34
N ARG E 119 -8.97 8.88 -13.95
CA ARG E 119 -8.07 7.79 -13.60
C ARG E 119 -7.44 7.21 -14.87
N PRO E 120 -6.20 6.75 -14.79
CA PRO E 120 -5.51 6.28 -16.00
C PRO E 120 -6.05 4.95 -16.47
N THR E 121 -5.89 4.71 -17.77
CA THR E 121 -6.27 3.45 -18.39
C THR E 121 -5.22 3.13 -19.46
N GLY E 122 -5.57 2.26 -20.39
CA GLY E 122 -4.66 1.92 -21.47
C GLY E 122 -3.43 1.14 -21.04
N GLY E 123 -3.46 0.55 -19.85
CA GLY E 123 -2.34 -0.24 -19.39
C GLY E 123 -1.22 0.54 -18.73
N HIS E 124 -1.45 1.81 -18.41
CA HIS E 124 -0.44 2.61 -17.73
C HIS E 124 -0.22 2.09 -16.31
N TYR E 125 1.04 1.98 -15.92
CA TYR E 125 1.38 1.50 -14.59
C TYR E 125 1.24 2.62 -13.57
N THR E 126 0.53 2.33 -12.47
CA THR E 126 0.40 3.32 -11.41
C THR E 126 1.73 3.55 -10.70
N VAL E 127 2.61 2.55 -10.67
CA VAL E 127 3.88 2.66 -9.98
C VAL E 127 4.92 3.28 -10.89
N GLN E 128 4.50 3.77 -12.06
CA GLN E 128 5.39 4.39 -13.03
C GLN E 128 5.30 5.90 -12.85
N SER E 129 6.27 6.48 -12.16
CA SER E 129 6.22 7.89 -11.80
C SER E 129 6.30 8.78 -13.03
N ASP E 130 5.42 9.78 -13.11
CA ASP E 130 5.45 10.80 -14.15
C ASP E 130 5.20 12.18 -13.55
N GLY E 131 5.67 12.41 -12.33
CA GLY E 131 5.55 13.70 -11.70
C GLY E 131 4.16 13.97 -11.17
N PHE E 132 3.93 15.23 -10.83
CA PHE E 132 2.66 15.67 -10.28
C PHE E 132 2.28 17.03 -10.85
N GLY E 133 0.99 17.22 -11.07
CA GLY E 133 0.44 18.50 -11.46
C GLY E 133 -0.45 19.04 -10.37
N HIS E 134 -1.45 19.85 -10.72
CA HIS E 134 -2.36 20.42 -9.73
C HIS E 134 -3.75 20.51 -10.32
N THR E 135 -4.73 20.51 -9.42
CA THR E 135 -6.11 20.87 -9.74
C THR E 135 -6.44 22.19 -9.05
N ALA E 136 -7.33 22.95 -9.67
CA ALA E 136 -7.73 24.24 -9.13
C ALA E 136 -9.18 24.49 -9.47
N VAL E 137 -9.92 25.03 -8.50
CA VAL E 137 -11.32 25.37 -8.67
C VAL E 137 -11.37 26.81 -9.16
N ILE E 138 -11.78 27.00 -10.41
CA ILE E 138 -11.88 28.31 -11.04
C ILE E 138 -13.34 28.50 -11.44
N GLN E 139 -14.04 29.35 -10.71
CA GLN E 139 -15.49 29.47 -10.80
C GLN E 139 -15.95 30.65 -11.65
N ASP E 140 -15.24 30.94 -12.73
CA ASP E 140 -15.64 31.98 -13.67
C ASP E 140 -15.00 31.68 -15.02
N SER E 141 -15.43 32.43 -16.04
CA SER E 141 -15.04 32.14 -17.41
C SER E 141 -13.56 32.39 -17.68
N ARG E 142 -12.82 32.96 -16.72
CA ARG E 142 -11.37 33.04 -16.89
C ARG E 142 -10.76 31.66 -17.08
N ILE E 143 -11.46 30.59 -16.68
CA ILE E 143 -10.92 29.25 -16.77
C ILE E 143 -10.54 28.91 -18.20
N THR E 144 -11.21 29.51 -19.18
CA THR E 144 -10.94 29.18 -20.58
C THR E 144 -9.48 29.43 -20.95
N ARG E 145 -8.85 30.42 -20.31
CA ARG E 145 -7.45 30.70 -20.60
C ARG E 145 -6.54 29.56 -20.15
N PHE E 146 -7.01 28.66 -19.30
CA PHE E 146 -6.17 27.64 -18.71
C PHE E 146 -6.25 26.30 -19.45
N LYS E 147 -6.86 26.29 -20.64
CA LYS E 147 -6.53 25.28 -21.64
C LYS E 147 -5.36 25.85 -22.43
N THR E 148 -4.15 25.45 -22.04
CA THR E 148 -2.94 26.08 -22.57
C THR E 148 -2.79 25.78 -24.06
N THR E 149 -2.39 26.81 -24.81
CA THR E 149 -2.08 26.68 -26.22
C THR E 149 -0.57 26.74 -26.48
N ALA E 150 0.24 26.94 -25.44
CA ALA E 150 1.68 26.90 -25.55
C ALA E 150 2.24 26.23 -24.30
N ASP E 151 3.43 25.63 -24.44
CA ASP E 151 4.05 24.96 -23.31
C ASP E 151 4.38 25.98 -22.21
N GLN E 152 4.08 25.62 -20.98
CA GLN E 152 4.38 26.43 -19.82
C GLN E 152 5.69 25.94 -19.17
N THR E 153 6.54 26.89 -18.77
CA THR E 153 7.76 26.54 -18.07
C THR E 153 7.56 26.38 -16.57
N GLN E 154 6.39 26.74 -16.06
CA GLN E 154 5.99 26.49 -14.68
C GLN E 154 4.60 25.87 -14.66
N ASP E 155 4.24 25.32 -13.52
CA ASP E 155 2.90 24.77 -13.35
C ASP E 155 1.89 25.91 -13.34
N PRO E 156 1.02 26.04 -14.34
CA PRO E 156 0.18 27.24 -14.43
C PRO E 156 -0.93 27.32 -13.39
N LEU E 157 -1.20 26.24 -12.65
CA LEU E 157 -2.27 26.23 -11.66
C LEU E 157 -1.78 26.15 -10.23
N ALA E 158 -0.53 25.76 -9.99
CA ALA E 158 -0.03 25.62 -8.63
C ALA E 158 -0.19 26.88 -7.79
N PRO E 159 -0.05 28.10 -8.32
CA PRO E 159 -0.16 29.29 -7.46
C PRO E 159 -1.58 29.55 -6.93
N PHE E 160 -2.60 28.92 -7.50
CA PHE E 160 -3.97 29.19 -7.07
C PHE E 160 -4.15 28.83 -5.60
N ASP E 161 -4.80 29.72 -4.85
CA ASP E 161 -5.37 29.31 -3.57
C ASP E 161 -6.34 28.17 -3.80
N GLY E 162 -6.21 27.11 -2.99
CA GLY E 162 -6.99 25.91 -3.19
C GLY E 162 -6.37 24.90 -4.12
N ALA E 163 -5.24 25.23 -4.75
CA ALA E 163 -4.57 24.29 -5.64
C ALA E 163 -4.13 23.05 -4.86
N LYS E 164 -4.46 21.88 -5.39
CA LYS E 164 -4.10 20.61 -4.78
C LYS E 164 -3.36 19.79 -5.81
N LYS E 165 -2.21 19.23 -5.42
CA LYS E 165 -1.41 18.47 -6.36
C LYS E 165 -2.02 17.09 -6.59
N TRP E 166 -1.72 16.54 -7.76
CA TRP E 166 -2.14 15.18 -8.10
C TRP E 166 -1.02 14.55 -8.91
N PHE E 167 -0.85 13.24 -8.75
CA PHE E 167 0.19 12.52 -9.44
C PHE E 167 -0.32 12.04 -10.79
N VAL E 168 0.47 12.28 -11.84
CA VAL E 168 0.04 12.00 -13.20
C VAL E 168 -0.34 10.53 -13.37
N SER E 169 0.31 9.64 -12.64
CA SER E 169 0.12 8.21 -12.83
C SER E 169 -1.04 7.64 -12.03
N ARG E 170 -1.68 8.44 -11.16
CA ARG E 170 -2.80 7.96 -10.38
C ARG E 170 -4.10 8.69 -10.64
N GLY E 171 -4.05 9.83 -11.34
CA GLY E 171 -5.25 10.61 -11.53
C GLY E 171 -5.61 11.37 -10.26
N PHE E 172 -6.84 11.87 -10.22
CA PHE E 172 -7.30 12.63 -9.07
C PHE E 172 -8.81 12.53 -8.93
N LYS E 173 -9.29 13.01 -7.79
CA LYS E 173 -10.72 13.10 -7.50
C LYS E 173 -10.93 14.37 -6.69
N ARG E 174 -11.80 15.25 -7.18
CA ARG E 174 -12.06 16.50 -6.48
C ARG E 174 -13.53 16.88 -6.59
N LEU E 175 -14.07 17.39 -5.48
CA LEU E 175 -15.42 17.92 -5.43
C LEU E 175 -15.37 19.43 -5.37
N LEU E 176 -16.43 20.07 -5.85
CA LEU E 176 -16.48 21.53 -5.91
C LEU E 176 -17.93 21.97 -5.96
N ARG E 177 -18.14 23.27 -5.74
CA ARG E 177 -19.45 23.90 -5.86
C ARG E 177 -19.43 24.82 -7.08
N PRO E 178 -19.83 24.33 -8.26
CA PRO E 178 -19.69 25.13 -9.47
C PRO E 178 -20.74 26.24 -9.53
N LYS E 179 -20.38 27.32 -10.21
CA LYS E 179 -21.13 28.57 -10.12
C LYS E 179 -21.68 28.98 -11.48
N PRO E 180 -22.96 29.32 -11.58
CA PRO E 180 -23.46 29.98 -12.79
C PRO E 180 -23.14 31.47 -12.74
N GLN E 181 -23.07 32.07 -13.92
CA GLN E 181 -22.59 33.44 -14.07
C GLN E 181 -23.77 34.36 -14.37
N ILE E 182 -24.04 35.29 -13.45
CA ILE E 182 -25.09 36.29 -13.61
C ILE E 182 -24.52 37.48 -14.36
N THR E 183 -25.31 38.07 -15.24
CA THR E 183 -24.84 39.11 -16.15
C THR E 183 -24.90 40.48 -15.50
N ILE E 184 -23.85 41.25 -15.70
CA ILE E 184 -23.81 42.68 -15.40
C ILE E 184 -23.42 43.40 -16.68
N GLU E 185 -24.22 44.39 -17.08
CA GLU E 185 -23.96 45.15 -18.29
C GLU E 185 -23.57 46.59 -18.04
N ASP E 186 -23.65 47.07 -16.80
CA ASP E 186 -23.34 48.46 -16.49
C ASP E 186 -21.87 48.55 -16.07
N LEU E 187 -21.00 48.72 -17.06
CA LEU E 187 -19.56 48.85 -16.85
C LEU E 187 -19.10 50.25 -17.22
N THR E 188 -17.91 50.61 -16.77
CA THR E 188 -17.33 51.90 -17.12
C THR E 188 -16.98 51.99 -18.60
N THR E 189 -16.90 50.87 -19.29
CA THR E 189 -16.67 50.82 -20.72
C THR E 189 -17.95 50.42 -21.43
N ALA E 190 -18.30 51.14 -22.49
CA ALA E 190 -19.55 50.90 -23.18
C ALA E 190 -19.51 49.58 -23.94
N ASN E 191 -20.69 48.96 -24.07
CA ASN E 191 -20.86 47.75 -24.88
C ASN E 191 -20.00 46.60 -24.36
N GLN E 192 -19.78 46.55 -23.05
CA GLN E 192 -19.10 45.43 -22.41
C GLN E 192 -19.92 44.96 -21.22
N SER E 193 -19.78 43.68 -20.89
CA SER E 193 -20.49 43.09 -19.78
C SER E 193 -19.52 42.26 -18.94
N ALA E 194 -19.93 41.98 -17.70
CA ALA E 194 -19.12 41.21 -16.76
C ALA E 194 -20.03 40.19 -16.09
N ALA E 195 -19.53 39.53 -15.06
CA ALA E 195 -20.23 38.44 -14.42
C ALA E 195 -20.23 38.61 -12.91
N LEU E 196 -21.21 37.95 -12.28
CA LEU E 196 -21.31 37.84 -10.84
C LEU E 196 -21.90 36.47 -10.54
N TRP E 197 -21.46 35.85 -9.45
CA TRP E 197 -22.06 34.61 -9.01
C TRP E 197 -22.34 34.67 -7.51
N LEU E 198 -23.27 33.82 -7.09
CA LEU E 198 -23.79 33.85 -5.73
C LEU E 198 -23.04 32.87 -4.85
N ASN E 199 -22.84 33.26 -3.59
CA ASN E 199 -22.02 32.46 -2.69
C ASN E 199 -22.69 31.14 -2.36
N SER E 200 -24.01 31.13 -2.17
CA SER E 200 -24.74 29.94 -1.76
C SER E 200 -25.66 29.47 -2.88
N ALA E 201 -25.75 28.15 -3.04
CA ALA E 201 -26.66 27.59 -4.04
C ALA E 201 -28.12 27.76 -3.61
N ARG E 202 -28.37 27.87 -2.31
CA ARG E 202 -29.74 28.05 -1.81
C ARG E 202 -30.32 29.42 -2.16
N THR E 203 -29.53 30.33 -2.70
CA THR E 203 -30.00 31.69 -2.93
C THR E 203 -30.94 31.79 -4.13
N GLY E 204 -30.73 30.97 -5.17
CA GLY E 204 -31.48 31.11 -6.39
C GLY E 204 -31.88 29.78 -6.99
N TRP E 205 -32.73 29.87 -8.02
CA TRP E 205 -33.18 28.73 -8.80
C TRP E 205 -33.07 29.07 -10.27
N ILE E 206 -32.76 28.06 -11.09
CA ILE E 206 -32.68 28.23 -12.53
C ILE E 206 -33.87 27.47 -13.14
N PRO E 207 -34.84 28.16 -13.74
CA PRO E 207 -35.92 27.44 -14.43
C PRO E 207 -35.38 26.72 -15.66
N LEU E 208 -35.78 25.46 -15.82
CA LEU E 208 -35.27 24.64 -16.92
C LEU E 208 -35.61 25.25 -18.27
N GLN E 209 -36.82 25.79 -18.42
CA GLN E 209 -37.29 26.33 -19.68
C GLN E 209 -37.50 27.83 -19.63
N GLY E 210 -36.88 28.51 -18.67
CA GLY E 210 -36.99 29.95 -18.59
C GLY E 210 -36.08 30.65 -19.59
N GLY E 211 -36.38 31.92 -19.83
CA GLY E 211 -35.62 32.71 -20.76
C GLY E 211 -36.19 32.64 -22.17
N PRO E 212 -35.71 33.53 -23.05
CA PRO E 212 -36.25 33.58 -24.41
C PRO E 212 -35.89 32.38 -25.27
N ASN E 213 -34.97 31.53 -24.83
CA ASN E 213 -34.56 30.36 -25.59
C ASN E 213 -34.97 29.05 -24.93
N SER E 214 -35.61 29.11 -23.77
CA SER E 214 -35.97 27.90 -23.02
C SER E 214 -34.75 27.01 -22.81
N ALA E 215 -33.58 27.63 -22.66
CA ALA E 215 -32.30 26.92 -22.56
C ALA E 215 -31.77 26.97 -21.13
N GLY E 216 -32.66 26.81 -20.14
CA GLY E 216 -32.22 26.85 -18.76
C GLY E 216 -31.19 25.79 -18.43
N THR E 217 -31.36 24.59 -18.99
CA THR E 217 -30.45 23.49 -18.70
C THR E 217 -29.06 23.69 -19.27
N LYS E 218 -28.84 24.71 -20.10
CA LYS E 218 -27.55 24.94 -20.75
C LYS E 218 -26.70 25.98 -20.03
N VAL E 219 -27.14 26.46 -18.86
CA VAL E 219 -26.32 27.39 -18.10
C VAL E 219 -25.00 26.71 -17.76
N ARG E 220 -23.90 27.38 -18.05
CA ARG E 220 -22.57 26.83 -17.82
C ARG E 220 -22.13 27.16 -16.40
N HIS E 221 -21.81 26.12 -15.63
CA HIS E 221 -21.33 26.28 -14.26
C HIS E 221 -19.82 26.03 -14.23
N TYR E 222 -19.09 26.97 -13.61
CA TYR E 222 -17.64 26.85 -13.48
C TYR E 222 -17.28 26.46 -12.06
N GLY E 223 -16.26 25.62 -11.85
CA GLY E 223 -15.41 25.08 -12.91
C GLY E 223 -14.15 24.50 -12.27
N ILE E 224 -13.51 23.56 -12.94
CA ILE E 224 -12.30 22.92 -12.41
C ILE E 224 -11.27 22.79 -13.53
N ALA E 225 -10.03 23.12 -13.22
CA ALA E 225 -8.91 23.00 -14.16
C ALA E 225 -7.85 22.10 -13.55
N PHE E 226 -7.08 21.44 -14.42
CA PHE E 226 -6.02 20.55 -13.97
C PHE E 226 -4.81 20.72 -14.88
N SER E 227 -3.63 20.76 -14.27
CA SER E 227 -2.37 20.91 -14.96
C SER E 227 -1.54 19.63 -14.81
N PHE E 228 -0.52 19.50 -15.65
CA PHE E 228 0.29 18.29 -15.62
C PHE E 228 1.65 18.57 -16.24
N PRO E 229 2.74 18.03 -15.70
CA PRO E 229 4.01 18.05 -16.42
C PRO E 229 3.97 17.04 -17.57
N GLN E 230 4.47 17.46 -18.72
CA GLN E 230 4.36 16.64 -19.91
C GLN E 230 5.12 15.34 -19.74
N PRO E 231 4.50 14.18 -19.92
CA PRO E 231 5.19 12.91 -19.67
C PRO E 231 6.00 12.45 -20.88
N GLU E 232 6.82 11.43 -20.65
CA GLU E 232 7.64 10.86 -21.71
C GLU E 232 6.85 9.96 -22.65
N GLN E 233 5.69 9.49 -22.25
CA GLN E 233 4.85 8.66 -23.10
C GLN E 233 3.38 9.05 -22.89
N THR E 234 2.59 8.85 -23.93
CA THR E 234 1.18 9.22 -23.88
C THR E 234 0.47 8.44 -22.77
N ILE E 235 -0.46 9.11 -22.09
CA ILE E 235 -1.26 8.52 -21.04
C ILE E 235 -2.73 8.79 -21.34
N THR E 236 -3.55 7.74 -21.31
CA THR E 236 -4.98 7.85 -21.51
C THR E 236 -5.69 7.69 -20.18
N TYR E 237 -6.79 8.42 -20.01
CA TYR E 237 -7.55 8.43 -18.77
C TYR E 237 -9.02 8.19 -19.07
N VAL E 238 -9.71 7.67 -18.06
CA VAL E 238 -11.18 7.67 -18.01
C VAL E 238 -11.60 8.74 -17.03
N THR E 239 -12.50 9.62 -17.46
CA THR E 239 -12.98 10.73 -16.64
C THR E 239 -14.46 10.53 -16.36
N LYS E 240 -14.84 10.61 -15.08
CA LYS E 240 -16.23 10.52 -14.67
C LYS E 240 -16.62 11.81 -13.95
N LEU E 241 -17.62 12.50 -14.48
CA LEU E 241 -18.17 13.68 -13.84
C LEU E 241 -19.50 13.32 -13.19
N THR E 242 -19.77 13.92 -12.03
CA THR E 242 -21.02 13.69 -11.31
C THR E 242 -21.62 15.03 -10.88
N LEU E 243 -22.93 15.15 -11.05
CA LEU E 243 -23.67 16.30 -10.57
C LEU E 243 -24.62 15.88 -9.46
N TYR E 244 -24.75 16.73 -8.45
CA TYR E 244 -25.74 16.57 -7.39
C TYR E 244 -26.70 17.76 -7.53
N VAL E 245 -27.86 17.50 -8.11
CA VAL E 245 -28.77 18.55 -8.57
C VAL E 245 -30.06 18.45 -7.76
N GLN E 246 -30.53 19.59 -7.27
CA GLN E 246 -31.84 19.71 -6.66
C GLN E 246 -32.81 20.27 -7.69
N PHE E 247 -33.98 19.65 -7.79
CA PHE E 247 -35.02 20.09 -8.71
C PHE E 247 -36.24 20.52 -7.91
N ARG E 248 -36.93 21.54 -8.42
CA ARG E 248 -38.07 22.14 -7.74
C ARG E 248 -39.31 22.03 -8.61
N GLN E 249 -40.38 21.52 -8.04
CA GLN E 249 -41.70 21.53 -8.65
C GLN E 249 -41.82 20.55 -9.81
N PHE E 250 -42.30 19.34 -9.53
CA PHE E 250 -42.70 18.42 -10.59
C PHE E 250 -43.71 19.11 -11.51
N ALA E 251 -43.52 18.95 -12.82
CA ALA E 251 -44.25 19.74 -13.78
C ALA E 251 -44.76 18.86 -14.92
N PRO E 252 -45.86 19.27 -15.56
CA PRO E 252 -46.34 18.54 -16.74
C PRO E 252 -45.51 18.85 -17.97
N ASN E 253 -45.79 18.09 -19.04
CA ASN E 253 -45.28 18.43 -20.35
C ASN E 253 -45.90 19.77 -20.80
N ASN E 254 -45.23 20.41 -21.75
CA ASN E 254 -45.80 21.60 -22.34
C ASN E 254 -47.13 21.25 -23.02
N PRO E 255 -48.09 22.17 -23.03
CA PRO E 255 -49.37 21.86 -23.66
C PRO E 255 -49.21 21.44 -25.12
N SER E 256 -50.11 20.59 -25.58
CA SER E 256 -50.13 20.21 -26.98
C SER E 256 -50.59 21.40 -27.83
N THR E 257 -50.09 21.45 -29.06
CA THR E 257 -50.38 22.58 -29.94
C THR E 257 -51.09 22.11 -31.22
#